data_2RCU
#
_entry.id   2RCU
#
_cell.length_a   95.273
_cell.length_b   97.750
_cell.length_c   312.050
_cell.angle_alpha   90.00
_cell.angle_beta   90.00
_cell.angle_gamma   90.00
#
_symmetry.space_group_name_H-M   'C 2 2 21'
#
loop_
_entity.id
_entity.type
_entity.pdbx_description
1 polymer 'Carnitine O-palmitoyltransferase 2'
2 non-polymer 'octyl beta-D-glucopyranoside'
3 non-polymer (3R)-3-(hexadecanoylamino)-4-(trimethylammonio)butanoate
4 water water
#
_entity_poly.entity_id   1
_entity_poly.type   'polypeptide(L)'
_entity_poly.pdbx_seq_one_letter_code
;MGSSHHHHHHSSGLVPRGSHMAVSGPDDYLQHSIVPTMHYQDSLPRLPIPKLEDTMKRYLNAQKPLLDDSQFRRTEALCK
NFETGVGKELHAHLLAQDKQNKHTSYISGPWFDMYLTARDSIVLNFNPFMAFNPDPKSEYNDQLTRATNLTVSAVRFLKT
LQAGLLEPEVFHLNPSKSDTDAFKRLIRFVPPSLSWYGAYLVNAYPLDMSQYFRLFNSTRIPRPNRDELFTDTKARHLLV
LRKGHFYVFDVLDQDGNIVNPLEIQAHLKYILSDSSPVPEFPVAYLTSENRDVWAELRQKLIFDGNEETLKKVDSAVFCL
CLDDFPMKDLIHLSHTMLHGDGTNRWFDKSFNLIVAEDGTAAVHFEHSWGDGVAVLRFFNEVFRDSTQTPAITPQSQPAA
TNSSASVETLSFNLSGALKAGITAAKEKFDTTVKTLSIDSIQFQRGGKEFLKKKQLSPDAVAQLAFQMAFLRQYGQTVAT
YESCSTAAFKHGRTETIRPASIFTKRCSEAFVRDPSKHSVGELQHMMAECSKYHGQLTKEAAMGQGFDRHLYALRYLATA
RGLNLPELYLDPAYQQMNHNILSTSTLNSPAVSLGGFAPVVPDGFGIAYAVHDDWIGCNVSSYSGRNAREFLHCVQKCLE
DIFDALEGKAIKT
;
_entity_poly.pdbx_strand_id   A,B
#
loop_
_chem_comp.id
_chem_comp.type
_chem_comp.name
_chem_comp.formula
BOG D-saccharide 'octyl beta-D-glucopyranoside' 'C14 H28 O6'
BUJ non-polymer (3R)-3-(hexadecanoylamino)-4-(trimethylammonio)butanoate 'C23 H46 N2 O3'
#
# COMPACT_ATOMS: atom_id res chain seq x y z
N ASP A 27 -30.18 1.35 -5.44
CA ASP A 27 -30.85 0.09 -5.88
C ASP A 27 -30.05 -1.14 -5.46
N ASP A 28 -30.53 -2.32 -5.84
CA ASP A 28 -29.91 -3.59 -5.42
C ASP A 28 -28.84 -4.03 -6.42
N TYR A 29 -28.37 -3.10 -7.25
CA TYR A 29 -27.33 -3.43 -8.24
C TYR A 29 -25.96 -2.87 -7.90
N LEU A 30 -24.92 -3.69 -8.07
CA LEU A 30 -23.55 -3.21 -7.81
C LEU A 30 -22.83 -2.62 -9.06
N GLN A 31 -23.50 -2.65 -10.20
CA GLN A 31 -23.03 -2.04 -11.44
C GLN A 31 -24.22 -1.68 -12.34
N HIS A 32 -24.00 -0.72 -13.25
CA HIS A 32 -25.06 -0.26 -14.13
C HIS A 32 -24.58 -0.16 -15.58
N SER A 33 -24.14 -1.30 -16.11
CA SER A 33 -23.62 -1.36 -17.48
C SER A 33 -24.67 -0.99 -18.51
N ILE A 34 -24.30 -0.09 -19.42
CA ILE A 34 -25.15 0.23 -20.58
C ILE A 34 -24.94 -0.77 -21.73
N VAL A 35 -23.80 -1.45 -21.70
CA VAL A 35 -23.58 -2.61 -22.56
C VAL A 35 -24.06 -3.86 -21.83
N PRO A 36 -25.05 -4.58 -22.40
CA PRO A 36 -25.57 -5.77 -21.75
C PRO A 36 -24.43 -6.73 -21.38
N THR A 37 -24.53 -7.36 -20.20
CA THR A 37 -23.49 -8.30 -19.77
C THR A 37 -23.07 -9.25 -20.86
N MET A 38 -24.06 -9.80 -21.59
CA MET A 38 -23.82 -10.90 -22.52
C MET A 38 -23.68 -10.45 -23.99
N HIS A 39 -23.43 -9.17 -24.19
CA HIS A 39 -23.43 -8.54 -25.51
C HIS A 39 -22.43 -9.16 -26.50
N TYR A 40 -21.33 -9.71 -26.00
CA TYR A 40 -20.30 -10.25 -26.90
C TYR A 40 -20.37 -11.75 -27.11
N GLN A 41 -21.20 -12.41 -26.30
CA GLN A 41 -21.22 -13.90 -26.27
C GLN A 41 -21.44 -14.56 -27.64
N ASP A 42 -22.39 -14.06 -28.41
CA ASP A 42 -22.74 -14.61 -29.72
C ASP A 42 -21.59 -14.54 -30.72
N SER A 43 -20.72 -13.54 -30.59
CA SER A 43 -19.68 -13.31 -31.61
C SER A 43 -18.23 -13.67 -31.21
N LEU A 44 -18.06 -14.30 -30.04
CA LEU A 44 -16.76 -14.76 -29.59
C LEU A 44 -16.17 -15.70 -30.64
N PRO A 45 -14.85 -15.62 -30.86
CA PRO A 45 -14.11 -16.51 -31.76
C PRO A 45 -14.11 -17.91 -31.21
N ARG A 46 -14.04 -18.91 -32.10
CA ARG A 46 -13.98 -20.30 -31.71
C ARG A 46 -12.57 -20.65 -31.25
N LEU A 47 -12.48 -21.51 -30.24
CA LEU A 47 -11.20 -22.05 -29.79
C LEU A 47 -10.45 -22.71 -30.96
N PRO A 48 -9.24 -22.22 -31.28
CA PRO A 48 -8.45 -22.82 -32.36
C PRO A 48 -8.01 -24.28 -32.07
N ILE A 49 -7.97 -25.09 -33.13
CA ILE A 49 -7.34 -26.42 -33.05
C ILE A 49 -6.00 -26.25 -33.74
N PRO A 50 -4.88 -26.50 -33.03
CA PRO A 50 -3.56 -26.33 -33.66
C PRO A 50 -3.40 -27.28 -34.83
N LYS A 51 -2.46 -26.99 -35.74
CA LYS A 51 -1.99 -27.98 -36.70
C LYS A 51 -1.33 -29.13 -35.96
N LEU A 52 -1.60 -30.35 -36.37
CA LEU A 52 -0.97 -31.49 -35.69
C LEU A 52 0.57 -31.45 -35.68
N GLU A 53 1.19 -30.93 -36.75
CA GLU A 53 2.65 -30.83 -36.76
C GLU A 53 3.20 -29.92 -35.65
N ASP A 54 2.52 -28.79 -35.42
CA ASP A 54 2.81 -27.90 -34.29
C ASP A 54 2.65 -28.57 -32.91
N THR A 55 1.53 -29.26 -32.71
CA THR A 55 1.26 -30.00 -31.47
C THR A 55 2.36 -31.01 -31.13
N MET A 56 2.79 -31.79 -32.13
CA MET A 56 3.84 -32.79 -31.87
C MET A 56 5.20 -32.15 -31.54
N LYS A 57 5.55 -31.09 -32.27
CA LYS A 57 6.77 -30.33 -31.99
C LYS A 57 6.79 -29.76 -30.57
N ARG A 58 5.71 -29.10 -30.20
CA ARG A 58 5.54 -28.54 -28.84
C ARG A 58 5.58 -29.64 -27.75
N TYR A 59 4.92 -30.75 -28.01
CA TYR A 59 4.98 -31.93 -27.11
C TYR A 59 6.41 -32.37 -26.87
N LEU A 60 7.13 -32.64 -27.96
CA LEU A 60 8.54 -32.97 -27.84
C LEU A 60 9.38 -31.89 -27.18
N ASN A 61 9.12 -30.60 -27.48
CA ASN A 61 9.89 -29.53 -26.85
C ASN A 61 9.74 -29.59 -25.32
N ALA A 62 8.54 -29.92 -24.87
CA ALA A 62 8.30 -30.02 -23.43
C ALA A 62 8.82 -31.32 -22.82
N GLN A 63 9.02 -32.36 -23.64
CA GLN A 63 9.58 -33.60 -23.13
C GLN A 63 11.10 -33.53 -23.02
N LYS A 64 11.72 -32.64 -23.80
CA LYS A 64 13.17 -32.54 -23.89
C LYS A 64 13.85 -32.43 -22.51
N PRO A 65 13.36 -31.54 -21.61
CA PRO A 65 13.99 -31.49 -20.27
C PRO A 65 13.67 -32.68 -19.33
N LEU A 66 12.67 -33.50 -19.65
CA LEU A 66 12.19 -34.52 -18.73
C LEU A 66 12.71 -35.92 -19.05
N LEU A 67 13.12 -36.14 -20.30
CA LEU A 67 13.43 -37.50 -20.76
C LEU A 67 14.93 -37.69 -21.00
N ASP A 68 15.44 -38.88 -20.66
CA ASP A 68 16.81 -39.18 -21.05
C ASP A 68 16.85 -39.34 -22.57
N ASP A 69 18.06 -39.39 -23.12
CA ASP A 69 18.22 -39.51 -24.56
C ASP A 69 17.48 -40.70 -25.14
N SER A 70 17.57 -41.86 -24.49
CA SER A 70 16.95 -43.05 -25.02
C SER A 70 15.42 -42.93 -24.97
N GLN A 71 14.90 -42.43 -23.85
CA GLN A 71 13.46 -42.24 -23.69
C GLN A 71 12.91 -41.29 -24.73
N PHE A 72 13.63 -40.19 -24.96
CA PHE A 72 13.22 -39.16 -25.90
C PHE A 72 13.17 -39.72 -27.31
N ARG A 73 14.19 -40.48 -27.69
CA ARG A 73 14.24 -41.14 -28.98
C ARG A 73 13.05 -42.10 -29.19
N ARG A 74 12.67 -42.84 -28.14
CA ARG A 74 11.50 -43.71 -28.24
C ARG A 74 10.22 -42.88 -28.44
N THR A 75 10.10 -41.82 -27.66
CA THR A 75 8.93 -40.91 -27.76
C THR A 75 8.88 -40.19 -29.13
N GLU A 76 10.04 -39.74 -29.60
CA GLU A 76 10.18 -39.16 -30.95
C GLU A 76 9.64 -40.09 -32.06
N ALA A 77 10.05 -41.37 -32.03
CA ALA A 77 9.55 -42.37 -32.98
C ALA A 77 8.03 -42.57 -32.89
N LEU A 78 7.50 -42.56 -31.68
CA LEU A 78 6.06 -42.68 -31.51
C LEU A 78 5.32 -41.50 -32.10
N CYS A 79 5.83 -40.28 -31.86
CA CYS A 79 5.26 -39.06 -32.41
C CYS A 79 5.24 -39.04 -33.94
N LYS A 80 6.34 -39.46 -34.57
CA LYS A 80 6.43 -39.61 -36.03
C LYS A 80 5.34 -40.52 -36.59
N ASN A 81 5.18 -41.69 -35.99
CA ASN A 81 4.14 -42.62 -36.45
C ASN A 81 2.75 -42.11 -36.19
N PHE A 82 2.58 -41.40 -35.06
CA PHE A 82 1.26 -40.85 -34.71
C PHE A 82 0.87 -39.79 -35.73
N GLU A 83 1.79 -38.88 -36.03
CA GLU A 83 1.51 -37.74 -36.89
C GLU A 83 1.08 -38.19 -38.30
N THR A 84 1.68 -39.27 -38.80
CA THR A 84 1.39 -39.79 -40.14
C THR A 84 0.34 -40.93 -40.13
N GLY A 85 -0.04 -41.38 -38.95
CA GLY A 85 -0.87 -42.57 -38.83
C GLY A 85 -2.20 -42.29 -38.19
N VAL A 86 -2.46 -42.98 -37.10
CA VAL A 86 -3.74 -42.86 -36.39
C VAL A 86 -4.00 -41.45 -35.88
N GLY A 87 -2.95 -40.72 -35.51
CA GLY A 87 -3.09 -39.32 -35.08
C GLY A 87 -3.62 -38.40 -36.17
N LYS A 88 -3.06 -38.52 -37.37
CA LYS A 88 -3.57 -37.79 -38.54
C LYS A 88 -5.08 -38.00 -38.71
N GLU A 89 -5.50 -39.26 -38.71
CA GLU A 89 -6.90 -39.66 -38.81
C GLU A 89 -7.76 -39.14 -37.65
N LEU A 90 -7.30 -39.26 -36.41
CA LEU A 90 -8.08 -38.70 -35.29
C LEU A 90 -8.20 -37.17 -35.42
N HIS A 91 -7.12 -36.52 -35.87
CA HIS A 91 -7.13 -35.05 -36.05
C HIS A 91 -8.14 -34.58 -37.10
N ALA A 92 -8.17 -35.27 -38.25
CA ALA A 92 -9.17 -35.00 -39.28
C ALA A 92 -10.59 -35.13 -38.70
N HIS A 93 -10.81 -36.15 -37.89
CA HIS A 93 -12.13 -36.35 -37.28
C HIS A 93 -12.45 -35.24 -36.27
N LEU A 94 -11.45 -34.84 -35.49
CA LEU A 94 -11.58 -33.75 -34.53
C LEU A 94 -11.97 -32.44 -35.24
N LEU A 95 -11.30 -32.13 -36.33
CA LEU A 95 -11.62 -30.95 -37.12
C LEU A 95 -13.03 -31.01 -37.70
N ALA A 96 -13.39 -32.15 -38.30
CA ALA A 96 -14.75 -32.38 -38.82
C ALA A 96 -15.80 -32.17 -37.74
N GLN A 97 -15.55 -32.71 -36.55
CA GLN A 97 -16.49 -32.60 -35.44
C GLN A 97 -16.63 -31.18 -34.95
N ASP A 98 -15.52 -30.46 -34.89
CA ASP A 98 -15.52 -29.09 -34.44
C ASP A 98 -16.37 -28.19 -35.37
N LYS A 99 -16.28 -28.44 -36.67
CA LYS A 99 -17.04 -27.68 -37.66
C LYS A 99 -18.55 -28.02 -37.66
N GLN A 100 -18.92 -29.16 -37.08
CA GLN A 100 -20.33 -29.47 -36.85
C GLN A 100 -20.82 -28.97 -35.49
N ASN A 101 -19.93 -28.33 -34.72
CA ASN A 101 -20.24 -27.86 -33.37
C ASN A 101 -19.59 -26.51 -33.10
N LYS A 102 -19.88 -25.56 -33.97
CA LYS A 102 -19.31 -24.20 -33.90
C LYS A 102 -19.86 -23.36 -32.75
N HIS A 103 -20.82 -23.91 -32.01
CA HIS A 103 -21.46 -23.20 -30.90
C HIS A 103 -20.66 -23.38 -29.60
N THR A 104 -19.63 -24.23 -29.66
CA THR A 104 -18.86 -24.60 -28.48
C THR A 104 -17.38 -24.73 -28.87
N SER A 105 -16.59 -25.44 -28.06
CA SER A 105 -15.18 -25.69 -28.37
C SER A 105 -14.98 -27.20 -28.41
N TYR A 106 -13.90 -27.61 -29.06
CA TYR A 106 -13.63 -29.05 -29.19
C TYR A 106 -13.28 -29.71 -27.86
N ILE A 107 -12.90 -28.90 -26.88
CA ILE A 107 -12.42 -29.43 -25.61
C ILE A 107 -13.45 -29.29 -24.50
N SER A 108 -14.49 -28.48 -24.73
CA SER A 108 -15.47 -28.22 -23.66
C SER A 108 -16.11 -29.52 -23.09
N GLY A 109 -16.62 -30.37 -23.98
CA GLY A 109 -17.20 -31.65 -23.57
C GLY A 109 -16.24 -32.56 -22.83
N PRO A 110 -15.08 -32.87 -23.46
CA PRO A 110 -14.04 -33.63 -22.78
C PRO A 110 -13.62 -33.05 -21.41
N TRP A 111 -13.56 -31.73 -21.29
CA TRP A 111 -13.07 -31.12 -20.07
C TRP A 111 -14.11 -31.18 -18.97
N PHE A 112 -15.38 -30.95 -19.29
CA PHE A 112 -16.43 -31.17 -18.30
C PHE A 112 -16.41 -32.62 -17.84
N ASP A 113 -16.19 -33.54 -18.78
CA ASP A 113 -16.03 -34.95 -18.43
C ASP A 113 -14.88 -35.23 -17.48
N MET A 114 -13.75 -34.58 -17.69
CA MET A 114 -12.58 -34.83 -16.84
C MET A 114 -12.94 -34.55 -15.36
N TYR A 115 -13.67 -33.49 -15.09
CA TYR A 115 -14.12 -33.20 -13.73
C TYR A 115 -15.25 -34.12 -13.29
N LEU A 116 -16.25 -34.28 -14.14
CA LEU A 116 -17.51 -34.89 -13.69
C LEU A 116 -17.51 -36.43 -13.63
N THR A 117 -16.62 -37.05 -14.42
CA THR A 117 -16.48 -38.50 -14.35
C THR A 117 -15.53 -38.90 -13.24
N ALA A 118 -14.77 -37.93 -12.73
CA ALA A 118 -13.75 -38.23 -11.71
C ALA A 118 -14.49 -38.79 -10.49
N ARG A 119 -14.02 -39.93 -9.97
CA ARG A 119 -14.66 -40.57 -8.83
C ARG A 119 -14.05 -40.21 -7.49
N ASP A 120 -12.84 -39.66 -7.51
CA ASP A 120 -12.18 -39.30 -6.27
C ASP A 120 -12.88 -38.12 -5.62
N SER A 121 -12.66 -37.98 -4.31
CA SER A 121 -13.17 -36.84 -3.56
C SER A 121 -12.89 -35.53 -4.30
N ILE A 122 -13.87 -34.64 -4.32
CA ILE A 122 -13.62 -33.28 -4.89
C ILE A 122 -12.78 -32.41 -3.95
N VAL A 123 -12.76 -32.77 -2.66
CA VAL A 123 -11.95 -32.06 -1.69
C VAL A 123 -10.49 -32.41 -1.93
N LEU A 124 -9.68 -31.36 -1.95
CA LEU A 124 -8.23 -31.42 -2.20
C LEU A 124 -7.90 -31.68 -3.67
N ASN A 125 -8.39 -32.80 -4.22
CA ASN A 125 -8.14 -33.14 -5.65
C ASN A 125 -8.50 -32.03 -6.63
N PHE A 126 -9.58 -31.29 -6.32
CA PHE A 126 -10.12 -30.31 -7.27
C PHE A 126 -10.46 -28.93 -6.67
N ASN A 127 -11.27 -28.89 -5.60
CA ASN A 127 -11.75 -27.63 -5.04
C ASN A 127 -10.68 -26.70 -4.49
N PRO A 128 -10.50 -25.51 -5.11
CA PRO A 128 -9.56 -24.54 -4.58
C PRO A 128 -10.22 -23.52 -3.63
N PHE A 129 -9.42 -22.62 -3.06
CA PHE A 129 -10.00 -21.46 -2.42
C PHE A 129 -9.24 -20.17 -2.78
N MET A 130 -9.95 -19.04 -2.69
CA MET A 130 -9.33 -17.71 -2.63
C MET A 130 -9.88 -16.97 -1.41
N ALA A 131 -8.98 -16.39 -0.62
CA ALA A 131 -9.37 -15.66 0.59
C ALA A 131 -9.31 -14.16 0.37
N PHE A 132 -10.26 -13.45 0.97
CA PHE A 132 -10.36 -11.99 0.85
C PHE A 132 -9.37 -11.31 1.78
N ASN A 133 -8.88 -10.16 1.38
CA ASN A 133 -8.22 -9.27 2.33
C ASN A 133 -9.28 -8.80 3.34
N PRO A 134 -8.86 -8.32 4.53
CA PRO A 134 -9.84 -7.73 5.48
C PRO A 134 -10.48 -6.46 4.92
N ASP A 135 -11.63 -6.06 5.46
CA ASP A 135 -12.13 -4.73 5.20
C ASP A 135 -11.08 -3.80 5.82
N PRO A 136 -10.61 -2.77 5.08
CA PRO A 136 -9.64 -1.76 5.57
C PRO A 136 -10.12 -1.03 6.83
N LYS A 137 -11.43 -1.04 7.08
CA LYS A 137 -11.98 -0.45 8.30
C LYS A 137 -12.08 -1.55 9.36
N SER A 138 -11.23 -1.46 10.38
CA SER A 138 -11.11 -2.52 11.40
C SER A 138 -12.44 -3.13 11.86
N GLU A 139 -13.38 -2.27 12.29
CA GLU A 139 -14.56 -2.78 12.98
C GLU A 139 -15.55 -3.48 12.06
N TYR A 140 -15.39 -3.30 10.74
CA TYR A 140 -16.23 -3.97 9.76
C TYR A 140 -15.88 -5.46 9.61
N ASN A 141 -14.84 -5.89 10.29
CA ASN A 141 -14.45 -7.31 10.27
C ASN A 141 -15.08 -8.17 11.38
N ASP A 142 -16.01 -7.57 12.13
CA ASP A 142 -16.90 -8.30 13.00
C ASP A 142 -17.63 -9.38 12.18
N GLN A 143 -17.68 -10.59 12.73
CA GLN A 143 -18.25 -11.72 11.99
C GLN A 143 -19.67 -11.47 11.51
N LEU A 144 -20.56 -11.04 12.42
CA LEU A 144 -21.95 -10.84 12.00
C LEU A 144 -22.04 -9.76 10.94
N THR A 145 -21.35 -8.66 11.19
CA THR A 145 -21.33 -7.53 10.27
C THR A 145 -20.82 -7.93 8.88
N ARG A 146 -19.68 -8.61 8.88
CA ARG A 146 -19.08 -8.96 7.61
C ARG A 146 -19.82 -10.10 6.87
N ALA A 147 -20.36 -11.06 7.60
CA ALA A 147 -21.15 -12.11 6.98
C ALA A 147 -22.38 -11.50 6.31
N THR A 148 -23.01 -10.53 6.97
CA THR A 148 -24.16 -9.86 6.38
C THR A 148 -23.72 -9.10 5.12
N ASN A 149 -22.69 -8.29 5.25
CA ASN A 149 -22.26 -7.44 4.13
C ASN A 149 -21.78 -8.24 2.92
N LEU A 150 -21.06 -9.33 3.17
CA LEU A 150 -20.57 -10.17 2.08
C LEU A 150 -21.73 -10.89 1.39
N THR A 151 -22.68 -11.38 2.19
CA THR A 151 -23.90 -12.02 1.66
C THR A 151 -24.71 -11.07 0.80
N VAL A 152 -24.94 -9.85 1.30
CA VAL A 152 -25.73 -8.92 0.55
C VAL A 152 -25.03 -8.54 -0.77
N SER A 153 -23.72 -8.37 -0.73
CA SER A 153 -22.98 -8.02 -1.95
C SER A 153 -23.08 -9.12 -2.96
N ALA A 154 -22.93 -10.37 -2.52
CA ALA A 154 -23.07 -11.54 -3.39
C ALA A 154 -24.44 -11.62 -4.04
N VAL A 155 -25.48 -11.27 -3.28
CA VAL A 155 -26.83 -11.29 -3.83
C VAL A 155 -27.03 -10.09 -4.76
N ARG A 156 -26.38 -8.97 -4.45
CA ARG A 156 -26.38 -7.81 -5.37
C ARG A 156 -25.73 -8.21 -6.69
N PHE A 157 -24.63 -8.96 -6.61
CA PHE A 157 -23.97 -9.47 -7.81
C PHE A 157 -24.96 -10.30 -8.63
N LEU A 158 -25.68 -11.23 -7.97
CA LEU A 158 -26.69 -12.06 -8.64
C LEU A 158 -27.73 -11.21 -9.43
N LYS A 159 -28.25 -10.18 -8.77
CA LYS A 159 -29.28 -9.33 -9.37
C LYS A 159 -28.72 -8.54 -10.56
N THR A 160 -27.47 -8.09 -10.39
CA THR A 160 -26.78 -7.31 -11.41
C THR A 160 -26.54 -8.17 -12.67
N LEU A 161 -26.09 -9.40 -12.48
CA LEU A 161 -25.93 -10.35 -13.58
C LEU A 161 -27.27 -10.60 -14.29
N GLN A 162 -28.30 -10.85 -13.50
CA GLN A 162 -29.62 -11.18 -14.06
C GLN A 162 -30.27 -10.01 -14.81
N ALA A 163 -29.96 -8.79 -14.38
CA ALA A 163 -30.46 -7.59 -15.01
C ALA A 163 -29.70 -7.27 -16.30
N GLY A 164 -28.58 -7.97 -16.52
CA GLY A 164 -27.69 -7.62 -17.63
C GLY A 164 -26.91 -6.33 -17.41
N LEU A 165 -26.82 -5.93 -16.13
CA LEU A 165 -26.15 -4.71 -15.71
C LEU A 165 -24.70 -4.89 -15.31
N LEU A 166 -24.22 -6.12 -15.26
CA LEU A 166 -22.82 -6.40 -14.90
C LEU A 166 -22.01 -6.10 -16.17
N GLU A 167 -20.91 -5.38 -16.05
CA GLU A 167 -20.17 -5.01 -17.25
C GLU A 167 -19.64 -6.31 -17.86
N PRO A 168 -19.68 -6.44 -19.20
CA PRO A 168 -19.07 -7.63 -19.80
C PRO A 168 -17.60 -7.73 -19.39
N GLU A 169 -17.13 -8.96 -19.21
CA GLU A 169 -15.71 -9.23 -18.97
C GLU A 169 -14.94 -9.00 -20.27
N VAL A 170 -13.97 -8.09 -20.23
CA VAL A 170 -13.19 -7.76 -21.42
C VAL A 170 -11.74 -7.56 -21.03
N PHE A 171 -10.82 -8.24 -21.71
CA PHE A 171 -9.40 -7.94 -21.57
C PHE A 171 -9.02 -6.80 -22.53
N HIS A 172 -8.42 -5.75 -22.00
CA HIS A 172 -8.01 -4.62 -22.83
C HIS A 172 -6.49 -4.61 -22.88
N LEU A 173 -5.93 -4.55 -24.08
CA LEU A 173 -4.49 -4.34 -24.24
C LEU A 173 -4.09 -2.94 -23.79
N ASN A 174 -5.02 -2.00 -23.85
CA ASN A 174 -4.84 -0.65 -23.34
C ASN A 174 -6.18 -0.08 -22.85
N PRO A 175 -6.50 -0.27 -21.55
CA PRO A 175 -7.76 0.23 -20.96
C PRO A 175 -7.98 1.72 -21.20
N SER A 176 -6.88 2.46 -21.38
CA SER A 176 -6.89 3.89 -21.64
C SER A 176 -7.66 4.24 -22.91
N LYS A 177 -7.56 3.39 -23.92
CA LYS A 177 -8.27 3.60 -25.19
C LYS A 177 -9.64 2.93 -25.25
N SER A 178 -9.73 1.69 -24.78
CA SER A 178 -10.91 0.87 -25.06
C SER A 178 -11.86 0.68 -23.89
N ASP A 179 -11.36 0.82 -22.67
CA ASP A 179 -12.22 0.71 -21.49
C ASP A 179 -12.75 2.08 -21.11
N THR A 180 -13.56 2.65 -21.99
CA THR A 180 -14.05 4.01 -21.85
C THR A 180 -15.53 4.11 -22.17
N ASP A 181 -16.18 5.13 -21.62
CA ASP A 181 -17.58 5.37 -21.89
C ASP A 181 -17.80 5.73 -23.36
N ALA A 182 -16.80 6.37 -23.97
CA ALA A 182 -16.84 6.69 -25.40
C ALA A 182 -17.04 5.44 -26.25
N PHE A 183 -16.23 4.41 -25.99
CA PHE A 183 -16.36 3.14 -26.71
C PHE A 183 -17.64 2.41 -26.33
N LYS A 184 -17.92 2.35 -25.02
CA LYS A 184 -19.15 1.74 -24.54
C LYS A 184 -20.40 2.32 -25.20
N ARG A 185 -20.44 3.65 -25.35
CA ARG A 185 -21.51 4.37 -26.05
C ARG A 185 -21.80 3.85 -27.45
N LEU A 186 -20.75 3.47 -28.18
CA LEU A 186 -20.91 3.05 -29.56
C LEU A 186 -21.22 1.56 -29.65
N ILE A 187 -20.49 0.75 -28.89
CA ILE A 187 -20.54 -0.69 -29.04
C ILE A 187 -21.90 -1.27 -28.66
N ARG A 188 -22.62 -0.56 -27.80
CA ARG A 188 -23.96 -0.97 -27.39
C ARG A 188 -24.98 -0.96 -28.55
N PHE A 189 -24.67 -0.22 -29.62
CA PHE A 189 -25.50 -0.22 -30.83
C PHE A 189 -25.14 -1.29 -31.84
N VAL A 190 -23.95 -1.89 -31.72
CA VAL A 190 -23.55 -2.98 -32.62
C VAL A 190 -24.23 -4.27 -32.19
N PRO A 191 -24.95 -4.93 -33.13
CA PRO A 191 -25.65 -6.17 -32.80
C PRO A 191 -24.69 -7.22 -32.28
N PRO A 192 -25.12 -8.04 -31.32
CA PRO A 192 -24.30 -9.12 -30.76
C PRO A 192 -23.64 -10.07 -31.79
N SER A 193 -24.21 -10.20 -32.98
CA SER A 193 -23.59 -11.01 -34.04
C SER A 193 -22.30 -10.37 -34.54
N LEU A 194 -22.13 -9.07 -34.27
CA LEU A 194 -20.97 -8.31 -34.76
C LEU A 194 -20.14 -7.64 -33.67
N SER A 195 -20.65 -7.61 -32.44
CA SER A 195 -20.03 -6.86 -31.34
C SER A 195 -18.58 -7.21 -31.07
N TRP A 196 -18.26 -8.51 -31.05
CA TRP A 196 -16.90 -8.92 -30.77
C TRP A 196 -15.88 -8.20 -31.65
N TYR A 197 -16.27 -7.98 -32.90
CA TYR A 197 -15.37 -7.36 -33.90
C TYR A 197 -15.10 -5.90 -33.58
N GLY A 198 -16.12 -5.21 -33.05
CA GLY A 198 -15.93 -3.83 -32.61
C GLY A 198 -14.89 -3.71 -31.50
N ALA A 199 -14.99 -4.60 -30.52
CA ALA A 199 -13.96 -4.68 -29.48
C ALA A 199 -12.58 -5.05 -30.06
N TYR A 200 -12.54 -6.10 -30.87
CA TYR A 200 -11.29 -6.59 -31.46
C TYR A 200 -10.55 -5.45 -32.16
N LEU A 201 -11.31 -4.65 -32.91
CA LEU A 201 -10.75 -3.57 -33.70
C LEU A 201 -10.09 -2.50 -32.86
N VAL A 202 -10.49 -2.40 -31.58
CA VAL A 202 -9.81 -1.50 -30.64
C VAL A 202 -8.86 -2.20 -29.64
N ASN A 203 -8.43 -3.42 -29.98
CA ASN A 203 -7.47 -4.19 -29.18
C ASN A 203 -8.08 -4.55 -27.83
N ALA A 204 -9.34 -4.92 -27.85
CA ALA A 204 -10.06 -5.31 -26.64
C ALA A 204 -10.62 -6.68 -26.94
N TYR A 205 -10.67 -7.53 -25.92
CA TYR A 205 -10.92 -8.96 -26.09
C TYR A 205 -11.97 -9.44 -25.08
N PRO A 206 -13.26 -9.37 -25.45
CA PRO A 206 -14.34 -9.91 -24.64
C PRO A 206 -14.08 -11.39 -24.31
N LEU A 207 -14.44 -11.79 -23.10
CA LEU A 207 -14.24 -13.16 -22.66
C LEU A 207 -15.56 -13.91 -22.56
N ASP A 208 -15.47 -15.23 -22.61
CA ASP A 208 -16.62 -16.07 -22.37
C ASP A 208 -17.15 -15.82 -20.94
N MET A 209 -18.48 -15.82 -20.80
CA MET A 209 -19.15 -15.65 -19.51
C MET A 209 -20.26 -16.67 -19.32
N SER A 210 -20.20 -17.76 -20.08
CA SER A 210 -21.19 -18.84 -20.01
C SER A 210 -21.24 -19.53 -18.64
N GLN A 211 -20.13 -19.45 -17.90
CA GLN A 211 -20.01 -20.11 -16.59
C GLN A 211 -20.82 -19.37 -15.53
N TYR A 212 -21.11 -18.11 -15.78
CA TYR A 212 -21.80 -17.28 -14.78
C TYR A 212 -23.18 -17.83 -14.44
N PHE A 213 -23.76 -18.57 -15.38
CA PHE A 213 -25.04 -19.28 -15.19
C PHE A 213 -25.00 -20.37 -14.11
N ARG A 214 -23.79 -20.75 -13.66
CA ARG A 214 -23.61 -21.74 -12.59
C ARG A 214 -23.03 -21.19 -11.28
N LEU A 215 -22.83 -19.87 -11.23
CA LEU A 215 -22.35 -19.22 -10.03
C LEU A 215 -23.37 -19.41 -8.90
N PHE A 216 -24.66 -19.29 -9.24
CA PHE A 216 -25.70 -19.21 -8.20
C PHE A 216 -26.73 -20.29 -8.42
N ASN A 217 -27.40 -20.65 -7.33
CA ASN A 217 -28.52 -21.59 -7.37
C ASN A 217 -28.12 -22.94 -7.95
N SER A 218 -26.86 -23.32 -7.75
CA SER A 218 -26.25 -24.43 -8.48
C SER A 218 -25.38 -25.34 -7.66
N THR A 219 -25.36 -26.59 -8.06
CA THR A 219 -24.62 -27.61 -7.33
C THR A 219 -24.27 -28.77 -8.24
N ARG A 220 -23.39 -29.60 -7.72
CA ARG A 220 -22.94 -30.82 -8.38
C ARG A 220 -23.59 -32.01 -7.68
N ILE A 221 -24.35 -32.81 -8.42
CA ILE A 221 -25.03 -33.97 -7.83
C ILE A 221 -24.25 -35.25 -8.15
N PRO A 222 -23.87 -36.03 -7.13
CA PRO A 222 -23.18 -37.30 -7.39
C PRO A 222 -24.11 -38.29 -8.10
N ARG A 223 -23.61 -38.91 -9.16
CA ARG A 223 -24.32 -39.94 -9.92
C ARG A 223 -23.32 -41.01 -10.33
N PRO A 224 -23.81 -42.23 -10.61
CA PRO A 224 -22.92 -43.21 -11.24
C PRO A 224 -22.35 -42.69 -12.56
N ASN A 225 -21.09 -43.04 -12.84
CA ASN A 225 -20.48 -42.79 -14.16
C ASN A 225 -20.01 -41.34 -14.33
N ARG A 226 -20.93 -40.41 -14.08
CA ARG A 226 -20.70 -39.01 -14.34
C ARG A 226 -21.69 -38.19 -13.51
N ASP A 227 -21.16 -37.29 -12.68
CA ASP A 227 -21.99 -36.40 -11.88
C ASP A 227 -22.75 -35.39 -12.75
N GLU A 228 -23.76 -34.78 -12.15
CA GLU A 228 -24.67 -33.88 -12.86
C GLU A 228 -24.60 -32.46 -12.31
N LEU A 229 -24.57 -31.48 -13.22
CA LEU A 229 -24.62 -30.07 -12.82
C LEU A 229 -26.08 -29.60 -12.83
N PHE A 230 -26.56 -29.24 -11.64
CA PHE A 230 -27.93 -28.85 -11.36
C PHE A 230 -27.99 -27.37 -11.11
N THR A 231 -28.98 -26.69 -11.73
CA THR A 231 -29.28 -25.30 -11.37
C THR A 231 -30.80 -25.16 -11.18
N ASP A 232 -31.20 -24.30 -10.25
CA ASP A 232 -32.61 -23.91 -10.13
C ASP A 232 -32.69 -22.42 -9.90
N THR A 233 -32.83 -21.70 -11.01
CA THR A 233 -32.77 -20.24 -10.96
C THR A 233 -33.98 -19.61 -10.22
N LYS A 234 -35.04 -20.39 -10.00
CA LYS A 234 -36.23 -19.90 -9.30
C LYS A 234 -36.06 -19.77 -7.78
N ALA A 235 -35.01 -20.37 -7.23
CA ALA A 235 -34.86 -20.43 -5.77
C ALA A 235 -34.45 -19.06 -5.25
N ARG A 236 -35.01 -18.68 -4.10
CA ARG A 236 -34.79 -17.34 -3.54
C ARG A 236 -34.04 -17.38 -2.21
N HIS A 237 -33.69 -18.60 -1.76
CA HIS A 237 -33.17 -18.80 -0.39
C HIS A 237 -31.68 -18.99 -0.29
N LEU A 238 -31.11 -18.58 0.85
CA LEU A 238 -29.71 -18.83 1.19
C LEU A 238 -29.57 -20.12 1.98
N LEU A 239 -28.47 -20.83 1.77
CA LEU A 239 -28.11 -21.93 2.67
C LEU A 239 -26.99 -21.51 3.62
N VAL A 240 -27.20 -21.72 4.91
CA VAL A 240 -26.18 -21.42 5.91
C VAL A 240 -25.78 -22.66 6.71
N LEU A 241 -24.48 -22.90 6.82
CA LEU A 241 -23.95 -23.94 7.70
C LEU A 241 -23.28 -23.33 8.93
N ARG A 242 -23.78 -23.71 10.10
CA ARG A 242 -23.07 -23.42 11.35
C ARG A 242 -23.04 -24.65 12.23
N LYS A 243 -21.84 -25.03 12.67
CA LYS A 243 -21.57 -26.24 13.48
C LYS A 243 -22.17 -27.53 12.87
N GLY A 244 -22.20 -27.60 11.54
CA GLY A 244 -22.76 -28.77 10.86
C GLY A 244 -24.28 -28.78 10.71
N HIS A 245 -24.97 -27.80 11.30
CA HIS A 245 -26.42 -27.66 11.17
C HIS A 245 -26.68 -26.85 9.90
N PHE A 246 -27.77 -27.18 9.23
CA PHE A 246 -28.15 -26.56 7.97
C PHE A 246 -29.35 -25.62 8.20
N TYR A 247 -29.25 -24.38 7.73
CA TYR A 247 -30.34 -23.41 7.87
C TYR A 247 -30.62 -22.77 6.54
N VAL A 248 -31.88 -22.47 6.27
CA VAL A 248 -32.23 -21.80 5.02
C VAL A 248 -33.20 -20.64 5.30
N PHE A 249 -33.01 -19.53 4.60
CA PHE A 249 -33.91 -18.40 4.67
C PHE A 249 -33.86 -17.59 3.39
N ASP A 250 -34.96 -16.90 3.10
CA ASP A 250 -35.06 -16.15 1.85
C ASP A 250 -34.18 -14.91 1.88
N VAL A 251 -33.41 -14.70 0.81
CA VAL A 251 -32.61 -13.46 0.68
C VAL A 251 -33.13 -12.59 -0.46
N LEU A 252 -34.07 -13.17 -1.21
CA LEU A 252 -34.85 -12.42 -2.20
C LEU A 252 -36.34 -12.57 -1.89
N ASP A 253 -37.05 -11.44 -1.89
CA ASP A 253 -38.50 -11.50 -1.65
C ASP A 253 -39.31 -12.01 -2.87
N GLN A 254 -40.64 -12.05 -2.75
CA GLN A 254 -41.48 -12.64 -3.77
C GLN A 254 -41.52 -11.78 -5.04
N ASP A 255 -41.04 -10.55 -4.94
CA ASP A 255 -41.01 -9.61 -6.06
C ASP A 255 -39.64 -9.55 -6.73
N GLY A 256 -38.65 -10.21 -6.13
CA GLY A 256 -37.31 -10.26 -6.68
C GLY A 256 -36.36 -9.28 -6.02
N ASN A 257 -36.86 -8.50 -5.07
CA ASN A 257 -36.04 -7.52 -4.35
C ASN A 257 -35.21 -8.20 -3.27
N ILE A 258 -34.05 -7.61 -2.94
CA ILE A 258 -33.23 -8.15 -1.87
C ILE A 258 -33.96 -7.94 -0.53
N VAL A 259 -33.99 -8.98 0.28
CA VAL A 259 -34.57 -8.88 1.62
C VAL A 259 -33.83 -7.81 2.44
N ASN A 260 -34.60 -7.02 3.19
CA ASN A 260 -34.03 -6.02 4.10
C ASN A 260 -32.72 -6.52 4.76
N PRO A 261 -31.60 -5.82 4.53
CA PRO A 261 -30.33 -6.27 5.14
C PRO A 261 -30.38 -6.37 6.66
N LEU A 262 -31.25 -5.61 7.31
CA LEU A 262 -31.46 -5.74 8.77
C LEU A 262 -32.16 -7.02 9.17
N GLU A 263 -32.98 -7.55 8.27
CA GLU A 263 -33.62 -8.84 8.49
C GLU A 263 -32.61 -9.98 8.25
N ILE A 264 -31.86 -9.89 7.15
CA ILE A 264 -30.73 -10.79 6.95
C ILE A 264 -29.81 -10.82 8.18
N GLN A 265 -29.42 -9.65 8.68
CA GLN A 265 -28.57 -9.52 9.87
C GLN A 265 -29.25 -10.26 11.05
N ALA A 266 -30.54 -10.04 11.22
CA ALA A 266 -31.28 -10.72 12.30
C ALA A 266 -31.23 -12.25 12.15
N HIS A 267 -31.38 -12.72 10.92
CA HIS A 267 -31.41 -14.17 10.66
C HIS A 267 -30.04 -14.78 10.85
N LEU A 268 -29.02 -14.06 10.43
CA LEU A 268 -27.65 -14.52 10.73
C LEU A 268 -27.30 -14.52 12.24
N LYS A 269 -27.77 -13.50 12.94
CA LYS A 269 -27.56 -13.45 14.40
C LYS A 269 -28.29 -14.61 15.10
N TYR A 270 -29.51 -14.88 14.66
CA TYR A 270 -30.26 -16.04 15.11
C TYR A 270 -29.45 -17.35 14.95
N ILE A 271 -28.86 -17.59 13.77
CA ILE A 271 -27.99 -18.76 13.56
C ILE A 271 -26.73 -18.72 14.47
N LEU A 272 -26.10 -17.54 14.58
CA LEU A 272 -24.92 -17.41 15.45
C LEU A 272 -25.24 -17.64 16.92
N SER A 273 -26.48 -17.34 17.29
CA SER A 273 -26.92 -17.47 18.68
C SER A 273 -27.34 -18.88 19.07
N ASP A 274 -27.53 -19.76 18.08
CA ASP A 274 -28.11 -21.07 18.36
C ASP A 274 -27.17 -21.87 19.26
N SER A 275 -27.73 -22.58 20.25
CA SER A 275 -26.91 -23.25 21.25
C SER A 275 -26.76 -24.75 21.09
N SER A 276 -27.35 -25.32 20.04
CA SER A 276 -27.21 -26.77 19.78
C SER A 276 -25.76 -27.18 19.52
N PRO A 277 -25.33 -28.33 20.10
CA PRO A 277 -23.99 -28.77 19.75
C PRO A 277 -23.94 -29.37 18.36
N VAL A 278 -22.74 -29.60 17.85
CA VAL A 278 -22.53 -30.23 16.54
C VAL A 278 -23.35 -31.54 16.53
N PRO A 279 -24.07 -31.82 15.43
CA PRO A 279 -24.84 -33.08 15.32
C PRO A 279 -24.02 -34.36 15.50
N GLU A 280 -24.68 -35.43 15.94
CA GLU A 280 -24.00 -36.72 16.09
C GLU A 280 -23.44 -37.17 14.73
N PHE A 281 -24.22 -36.91 13.68
CA PHE A 281 -23.86 -37.32 12.33
C PHE A 281 -23.98 -36.14 11.38
N PRO A 282 -22.95 -35.27 11.32
CA PRO A 282 -22.97 -34.07 10.45
C PRO A 282 -23.04 -34.49 8.98
N VAL A 283 -24.14 -34.11 8.32
CA VAL A 283 -24.43 -34.60 6.99
C VAL A 283 -23.42 -34.11 5.94
N ALA A 284 -22.82 -32.96 6.19
CA ALA A 284 -21.88 -32.36 5.22
C ALA A 284 -20.66 -33.21 4.89
N TYR A 285 -20.25 -34.12 5.81
CA TYR A 285 -19.14 -35.06 5.57
C TYR A 285 -19.32 -35.81 4.24
N LEU A 286 -20.56 -36.17 3.93
CA LEU A 286 -20.91 -36.92 2.72
C LEU A 286 -20.43 -36.31 1.40
N THR A 287 -20.44 -34.99 1.32
CA THR A 287 -19.94 -34.28 0.13
C THR A 287 -18.42 -34.40 -0.11
N SER A 288 -17.67 -34.94 0.86
CA SER A 288 -16.24 -35.18 0.71
C SER A 288 -15.89 -36.62 0.29
N GLU A 289 -16.91 -37.45 0.11
CA GLU A 289 -16.70 -38.86 -0.21
C GLU A 289 -16.31 -39.09 -1.66
N ASN A 290 -15.79 -40.29 -1.90
CA ASN A 290 -15.69 -40.81 -3.25
C ASN A 290 -17.07 -40.67 -3.91
N ARG A 291 -17.10 -40.35 -5.20
CA ARG A 291 -18.34 -39.94 -5.89
C ARG A 291 -19.34 -41.07 -6.09
N ASP A 292 -18.83 -42.31 -6.25
CA ASP A 292 -19.71 -43.49 -6.28
C ASP A 292 -20.34 -43.78 -4.92
N VAL A 293 -19.54 -43.64 -3.87
CA VAL A 293 -20.03 -43.87 -2.49
C VAL A 293 -21.10 -42.84 -2.15
N TRP A 294 -20.80 -41.58 -2.48
CA TRP A 294 -21.72 -40.49 -2.19
C TRP A 294 -22.93 -40.64 -3.10
N ALA A 295 -22.73 -41.05 -4.36
CA ALA A 295 -23.88 -41.25 -5.24
C ALA A 295 -24.88 -42.24 -4.64
N GLU A 296 -24.38 -43.36 -4.13
CA GLU A 296 -25.25 -44.38 -3.50
C GLU A 296 -25.97 -43.85 -2.27
N LEU A 297 -25.21 -43.21 -1.38
CA LEU A 297 -25.77 -42.69 -0.13
C LEU A 297 -26.80 -41.60 -0.38
N ARG A 298 -26.60 -40.73 -1.38
CA ARG A 298 -27.62 -39.74 -1.75
C ARG A 298 -28.89 -40.40 -2.27
N GLN A 299 -28.77 -41.47 -3.08
CA GLN A 299 -29.95 -42.21 -3.52
C GLN A 299 -30.71 -42.77 -2.33
N LYS A 300 -29.96 -43.24 -1.32
CA LYS A 300 -30.56 -43.78 -0.10
C LYS A 300 -31.28 -42.72 0.72
N LEU A 301 -30.69 -41.52 0.80
CA LEU A 301 -31.36 -40.35 1.42
C LEU A 301 -32.70 -40.05 0.78
N ILE A 302 -32.73 -40.08 -0.57
CA ILE A 302 -33.96 -39.93 -1.34
C ILE A 302 -34.95 -41.05 -1.01
N PHE A 303 -34.47 -42.28 -0.97
CA PHE A 303 -35.34 -43.41 -0.66
C PHE A 303 -36.02 -43.15 0.70
N ASP A 304 -35.25 -42.57 1.62
CA ASP A 304 -35.70 -42.35 3.00
C ASP A 304 -36.51 -41.05 3.19
N GLY A 305 -36.88 -40.41 2.07
CA GLY A 305 -37.81 -39.31 2.08
C GLY A 305 -37.18 -37.93 2.19
N ASN A 306 -35.88 -37.85 1.91
CA ASN A 306 -35.17 -36.57 2.03
C ASN A 306 -35.07 -35.69 0.80
N GLU A 307 -35.79 -36.01 -0.28
CA GLU A 307 -35.62 -35.25 -1.53
C GLU A 307 -35.96 -33.76 -1.41
N GLU A 308 -37.08 -33.43 -0.77
CA GLU A 308 -37.46 -32.02 -0.57
C GLU A 308 -36.38 -31.24 0.18
N THR A 309 -35.84 -31.84 1.26
CA THR A 309 -34.72 -31.25 2.01
C THR A 309 -33.48 -31.10 1.13
N LEU A 310 -33.11 -32.17 0.43
CA LEU A 310 -31.97 -32.10 -0.48
C LEU A 310 -32.10 -30.99 -1.53
N LYS A 311 -33.31 -30.80 -2.04
CA LYS A 311 -33.54 -29.79 -3.07
C LYS A 311 -33.35 -28.37 -2.51
N LYS A 312 -33.65 -28.19 -1.23
CA LYS A 312 -33.38 -26.89 -0.60
C LYS A 312 -31.89 -26.63 -0.50
N VAL A 313 -31.12 -27.67 -0.20
CA VAL A 313 -29.67 -27.55 -0.15
C VAL A 313 -29.15 -27.25 -1.55
N ASP A 314 -29.55 -28.08 -2.53
CA ASP A 314 -29.04 -28.05 -3.90
C ASP A 314 -29.28 -26.71 -4.59
N SER A 315 -30.45 -26.12 -4.33
CA SER A 315 -30.92 -24.97 -5.10
C SER A 315 -30.61 -23.60 -4.47
N ALA A 316 -30.05 -23.58 -3.26
CA ALA A 316 -29.80 -22.30 -2.58
C ALA A 316 -28.89 -21.40 -3.39
N VAL A 317 -29.00 -20.08 -3.20
CA VAL A 317 -28.21 -19.16 -4.00
C VAL A 317 -26.70 -19.47 -3.95
N PHE A 318 -26.23 -19.78 -2.74
CA PHE A 318 -24.87 -20.30 -2.48
C PHE A 318 -24.90 -20.85 -1.07
N CYS A 319 -23.77 -21.36 -0.61
CA CYS A 319 -23.68 -21.82 0.76
C CYS A 319 -22.79 -20.87 1.57
N LEU A 320 -23.37 -20.26 2.59
CA LEU A 320 -22.60 -19.44 3.55
C LEU A 320 -22.20 -20.29 4.76
N CYS A 321 -20.91 -20.28 5.11
CA CYS A 321 -20.42 -21.11 6.19
C CYS A 321 -19.90 -20.21 7.30
N LEU A 322 -20.49 -20.38 8.48
CA LEU A 322 -20.09 -19.57 9.63
C LEU A 322 -19.27 -20.40 10.61
N ASP A 323 -17.98 -20.15 10.64
CA ASP A 323 -17.08 -20.92 11.50
C ASP A 323 -16.93 -20.20 12.84
N ASP A 324 -16.91 -20.96 13.93
CA ASP A 324 -16.84 -20.33 15.24
C ASP A 324 -15.44 -20.35 15.85
N PHE A 325 -14.46 -19.85 15.11
CA PHE A 325 -13.10 -19.71 15.64
C PHE A 325 -12.34 -18.71 14.79
N PRO A 326 -11.38 -17.99 15.41
CA PRO A 326 -10.60 -17.06 14.59
C PRO A 326 -9.45 -17.80 13.89
N MET A 327 -8.79 -17.14 12.94
CA MET A 327 -7.66 -17.75 12.25
C MET A 327 -6.39 -17.55 13.08
N LYS A 328 -5.71 -18.66 13.38
CA LYS A 328 -4.46 -18.63 14.14
C LYS A 328 -3.28 -18.03 13.38
N ASP A 329 -3.19 -18.35 12.08
CA ASP A 329 -2.11 -17.89 11.21
C ASP A 329 -2.48 -18.34 9.82
N LEU A 330 -1.60 -18.08 8.85
CA LEU A 330 -1.95 -18.33 7.46
C LEU A 330 -2.08 -19.81 7.15
N ILE A 331 -1.30 -20.64 7.84
CA ILE A 331 -1.43 -22.10 7.71
C ILE A 331 -2.83 -22.55 8.13
N HIS A 332 -3.25 -22.10 9.32
CA HIS A 332 -4.60 -22.34 9.78
C HIS A 332 -5.65 -21.82 8.79
N LEU A 333 -5.42 -20.63 8.27
CA LEU A 333 -6.34 -20.06 7.30
C LEU A 333 -6.45 -21.00 6.08
N SER A 334 -5.31 -21.45 5.57
CA SER A 334 -5.27 -22.29 4.36
C SER A 334 -6.02 -23.61 4.56
N HIS A 335 -5.74 -24.32 5.66
CA HIS A 335 -6.48 -25.55 5.97
C HIS A 335 -7.99 -25.31 6.09
N THR A 336 -8.35 -24.23 6.78
CA THR A 336 -9.74 -23.84 7.04
C THR A 336 -10.54 -23.61 5.77
N MET A 337 -9.93 -22.90 4.82
CA MET A 337 -10.61 -22.51 3.60
C MET A 337 -10.50 -23.61 2.54
N LEU A 338 -9.41 -24.39 2.58
CA LEU A 338 -9.23 -25.47 1.62
C LEU A 338 -10.11 -26.70 1.95
N HIS A 339 -10.27 -27.02 3.24
CA HIS A 339 -11.05 -28.19 3.58
C HIS A 339 -11.91 -28.08 4.86
N GLY A 340 -11.45 -27.31 5.86
CA GLY A 340 -12.14 -27.23 7.16
C GLY A 340 -12.13 -28.58 7.85
N ASP A 341 -13.02 -28.78 8.82
CA ASP A 341 -12.99 -30.03 9.60
C ASP A 341 -13.93 -31.15 9.13
N GLY A 342 -14.60 -30.93 8.01
CA GLY A 342 -15.49 -31.92 7.42
C GLY A 342 -16.96 -31.66 7.68
N THR A 343 -17.26 -30.82 8.68
CA THR A 343 -18.65 -30.68 9.12
C THR A 343 -19.39 -29.48 8.55
N ASN A 344 -18.66 -28.47 8.09
CA ASN A 344 -19.27 -27.15 7.89
C ASN A 344 -19.02 -26.53 6.51
N ARG A 345 -18.92 -27.39 5.49
CA ARG A 345 -18.85 -26.98 4.07
C ARG A 345 -19.73 -27.92 3.28
N TRP A 346 -20.55 -27.37 2.38
CA TRP A 346 -21.25 -28.25 1.43
C TRP A 346 -20.45 -28.30 0.14
N PHE A 347 -19.51 -29.24 0.07
CA PHE A 347 -18.46 -29.18 -0.97
C PHE A 347 -19.01 -29.20 -2.40
N ASP A 348 -20.18 -29.82 -2.58
CA ASP A 348 -20.87 -29.89 -3.88
C ASP A 348 -21.36 -28.55 -4.45
N LYS A 349 -21.61 -27.55 -3.58
CA LYS A 349 -22.21 -26.28 -4.01
C LYS A 349 -21.31 -25.58 -5.02
N SER A 350 -21.88 -24.78 -5.93
CA SER A 350 -21.06 -23.98 -6.84
C SER A 350 -19.90 -23.30 -6.10
N PHE A 351 -20.23 -22.65 -4.98
CA PHE A 351 -19.19 -22.20 -4.04
C PHE A 351 -19.75 -22.12 -2.62
N ASN A 352 -18.81 -22.13 -1.68
CA ASN A 352 -19.07 -21.85 -0.27
C ASN A 352 -18.38 -20.52 0.07
N LEU A 353 -19.14 -19.61 0.66
CA LEU A 353 -18.58 -18.34 1.17
C LEU A 353 -18.38 -18.53 2.66
N ILE A 354 -17.12 -18.56 3.10
CA ILE A 354 -16.75 -18.88 4.48
C ILE A 354 -16.39 -17.59 5.21
N VAL A 355 -16.94 -17.42 6.42
CA VAL A 355 -16.62 -16.24 7.25
C VAL A 355 -16.30 -16.75 8.67
N ALA A 356 -15.06 -16.54 9.11
CA ALA A 356 -14.65 -17.00 10.44
C ALA A 356 -15.05 -16.00 11.55
N GLU A 357 -14.74 -16.38 12.78
CA GLU A 357 -15.16 -15.62 13.96
C GLU A 357 -14.49 -14.22 13.98
N ASP A 358 -13.32 -14.12 13.34
CA ASP A 358 -12.60 -12.86 13.26
C ASP A 358 -12.85 -12.10 11.94
N GLY A 359 -13.91 -12.49 11.24
CA GLY A 359 -14.29 -11.88 9.96
C GLY A 359 -13.48 -12.31 8.74
N THR A 360 -12.43 -13.13 8.95
CA THR A 360 -11.67 -13.68 7.81
C THR A 360 -12.60 -14.46 6.89
N ALA A 361 -12.59 -14.11 5.60
CA ALA A 361 -13.53 -14.66 4.65
C ALA A 361 -12.83 -15.22 3.41
N ALA A 362 -13.47 -16.18 2.75
CA ALA A 362 -12.92 -16.79 1.56
C ALA A 362 -14.05 -17.36 0.72
N VAL A 363 -13.73 -17.62 -0.55
CA VAL A 363 -14.62 -18.36 -1.46
C VAL A 363 -13.90 -19.68 -1.76
N HIS A 364 -14.57 -20.80 -1.44
CA HIS A 364 -14.10 -22.13 -1.71
C HIS A 364 -15.03 -22.62 -2.80
N PHE A 365 -14.52 -23.13 -3.94
CA PHE A 365 -15.47 -23.47 -5.01
C PHE A 365 -15.26 -24.82 -5.61
N GLU A 366 -16.36 -25.36 -6.12
CA GLU A 366 -16.37 -26.66 -6.77
C GLU A 366 -15.92 -26.39 -8.22
N HIS A 367 -15.02 -27.22 -8.71
CA HIS A 367 -14.28 -26.81 -9.90
C HIS A 367 -14.92 -27.18 -11.24
N SER A 368 -15.89 -28.12 -11.23
CA SER A 368 -16.40 -28.65 -12.49
C SER A 368 -17.07 -27.61 -13.39
N TRP A 369 -17.75 -26.64 -12.77
CA TRP A 369 -18.55 -25.63 -13.48
C TRP A 369 -17.78 -24.39 -13.88
N GLY A 370 -16.64 -24.15 -13.22
CA GLY A 370 -16.04 -22.82 -13.26
C GLY A 370 -14.53 -22.74 -13.27
N ASP A 371 -14.03 -21.53 -13.48
CA ASP A 371 -12.61 -21.28 -13.55
C ASP A 371 -12.23 -20.01 -12.80
N GLY A 372 -10.95 -19.92 -12.46
CA GLY A 372 -10.40 -18.77 -11.74
C GLY A 372 -10.89 -17.43 -12.22
N VAL A 373 -10.82 -17.20 -13.54
CA VAL A 373 -11.24 -15.90 -14.10
C VAL A 373 -12.69 -15.46 -13.70
N ALA A 374 -13.61 -16.41 -13.65
CA ALA A 374 -15.03 -16.09 -13.41
C ALA A 374 -15.25 -15.91 -11.93
N VAL A 375 -14.71 -16.84 -11.15
CA VAL A 375 -14.76 -16.74 -9.68
C VAL A 375 -14.10 -15.45 -9.19
N LEU A 376 -12.98 -15.08 -9.82
CA LEU A 376 -12.27 -13.83 -9.44
C LEU A 376 -13.12 -12.60 -9.72
N ARG A 377 -13.87 -12.60 -10.82
CA ARG A 377 -14.72 -11.44 -11.14
C ARG A 377 -15.76 -11.23 -10.02
N PHE A 378 -16.42 -12.32 -9.67
CA PHE A 378 -17.37 -12.34 -8.57
C PHE A 378 -16.69 -11.87 -7.27
N PHE A 379 -15.60 -12.53 -6.96
CA PHE A 379 -14.80 -12.22 -5.78
C PHE A 379 -14.44 -10.73 -5.75
N ASN A 380 -13.95 -10.19 -6.87
CA ASN A 380 -13.54 -8.79 -6.92
C ASN A 380 -14.71 -7.82 -6.73
N GLU A 381 -15.85 -8.11 -7.34
CA GLU A 381 -16.99 -7.19 -7.28
C GLU A 381 -17.60 -7.20 -5.88
N VAL A 382 -17.63 -8.39 -5.26
CA VAL A 382 -18.11 -8.55 -3.91
C VAL A 382 -17.18 -7.88 -2.89
N PHE A 383 -15.86 -7.96 -3.09
CA PHE A 383 -14.95 -7.25 -2.18
C PHE A 383 -15.17 -5.74 -2.30
N ARG A 384 -15.18 -5.25 -3.53
CA ARG A 384 -15.40 -3.81 -3.77
C ARG A 384 -16.71 -3.33 -3.12
N ASP A 385 -17.82 -3.99 -3.45
CA ASP A 385 -19.12 -3.54 -2.99
C ASP A 385 -19.28 -3.66 -1.46
N SER A 386 -18.75 -4.73 -0.87
CA SER A 386 -18.95 -4.95 0.59
C SER A 386 -18.09 -4.00 1.46
N THR A 387 -17.02 -3.47 0.86
CA THR A 387 -16.08 -2.59 1.58
C THR A 387 -16.35 -1.13 1.29
N GLN A 388 -16.81 -0.80 0.08
CA GLN A 388 -17.09 0.60 -0.30
C GLN A 388 -18.55 1.02 -0.09
N THR A 389 -19.47 0.05 -0.17
CA THR A 389 -20.89 0.34 0.09
C THR A 389 -21.54 -0.77 0.91
N PRO A 390 -20.99 -1.01 2.12
CA PRO A 390 -21.52 -2.05 3.00
C PRO A 390 -23.01 -1.85 3.28
N ALA A 391 -23.75 -2.96 3.30
CA ALA A 391 -25.19 -2.90 3.54
C ALA A 391 -25.53 -2.45 4.96
N ILE A 392 -24.77 -2.92 5.94
CA ILE A 392 -24.94 -2.59 7.36
C ILE A 392 -23.62 -2.13 7.99
N THR A 393 -23.69 -1.47 9.13
CA THR A 393 -22.47 -1.09 9.87
C THR A 393 -22.29 -1.97 11.08
N PRO A 394 -21.12 -1.86 11.77
CA PRO A 394 -20.94 -2.64 12.97
C PRO A 394 -21.88 -2.21 14.10
N GLN A 395 -22.56 -1.09 13.93
CA GLN A 395 -23.51 -0.63 14.94
C GLN A 395 -24.99 -0.79 14.55
N SER A 396 -25.25 -1.33 13.36
CA SER A 396 -26.61 -1.63 12.93
C SER A 396 -27.37 -2.51 13.92
N GLN A 397 -28.65 -2.22 14.08
CA GLN A 397 -29.53 -2.99 14.93
C GLN A 397 -30.34 -4.01 14.11
N PRO A 398 -30.15 -5.32 14.36
CA PRO A 398 -30.98 -6.30 13.63
C PRO A 398 -32.46 -6.01 13.72
N ALA A 399 -33.17 -6.22 12.61
CA ALA A 399 -34.62 -6.06 12.57
C ALA A 399 -35.26 -6.96 13.63
N ALA A 400 -36.36 -6.50 14.22
CA ALA A 400 -37.17 -7.33 15.11
C ALA A 400 -38.04 -8.24 14.24
N THR A 401 -37.48 -9.37 13.84
CA THR A 401 -38.14 -10.26 12.89
C THR A 401 -38.23 -11.64 13.51
N ASN A 402 -39.25 -12.37 13.11
CA ASN A 402 -39.55 -13.69 13.59
C ASN A 402 -38.66 -14.72 12.90
N SER A 403 -37.39 -14.76 13.27
CA SER A 403 -36.43 -15.64 12.58
C SER A 403 -36.74 -17.10 12.85
N SER A 404 -37.39 -17.37 13.99
CA SER A 404 -37.81 -18.74 14.28
C SER A 404 -38.73 -19.34 13.22
N ALA A 405 -39.47 -18.47 12.54
CA ALA A 405 -40.38 -18.89 11.48
C ALA A 405 -39.72 -18.74 10.12
N SER A 406 -38.99 -17.66 9.93
CA SER A 406 -38.35 -17.32 8.64
C SER A 406 -37.12 -18.15 8.32
N VAL A 407 -36.46 -18.67 9.35
CA VAL A 407 -35.29 -19.52 9.15
C VAL A 407 -35.69 -20.96 9.43
N GLU A 408 -35.52 -21.84 8.44
CA GLU A 408 -35.81 -23.25 8.63
C GLU A 408 -34.53 -24.00 8.92
N THR A 409 -34.53 -24.76 10.02
CA THR A 409 -33.39 -25.62 10.33
C THR A 409 -33.73 -26.94 9.68
N LEU A 410 -32.97 -27.30 8.65
CA LEU A 410 -33.24 -28.54 7.93
C LEU A 410 -33.05 -29.76 8.81
N SER A 411 -33.81 -30.81 8.49
CA SER A 411 -33.83 -32.02 9.24
C SER A 411 -33.71 -33.16 8.23
N PHE A 412 -32.69 -33.99 8.36
CA PHE A 412 -32.56 -35.18 7.50
C PHE A 412 -33.03 -36.43 8.24
N ASN A 413 -33.75 -37.31 7.54
CA ASN A 413 -34.13 -38.60 8.09
C ASN A 413 -33.00 -39.56 7.75
N LEU A 414 -32.16 -39.89 8.73
CA LEU A 414 -31.02 -40.79 8.50
C LEU A 414 -31.25 -42.24 8.97
N SER A 415 -31.09 -43.18 8.04
CA SER A 415 -31.16 -44.60 8.34
C SER A 415 -29.84 -45.04 8.99
N GLY A 416 -29.82 -46.29 9.49
CA GLY A 416 -28.58 -46.86 10.01
C GLY A 416 -27.47 -46.82 8.99
N ALA A 417 -27.81 -47.06 7.72
CA ALA A 417 -26.84 -47.06 6.63
C ALA A 417 -26.27 -45.66 6.42
N LEU A 418 -27.12 -44.64 6.52
CA LEU A 418 -26.61 -43.26 6.39
C LEU A 418 -25.68 -42.84 7.52
N LYS A 419 -25.95 -43.31 8.74
CA LYS A 419 -25.11 -42.95 9.87
C LYS A 419 -23.75 -43.64 9.78
N ALA A 420 -23.74 -44.89 9.31
CA ALA A 420 -22.52 -45.64 9.04
C ALA A 420 -21.74 -44.95 7.93
N GLY A 421 -22.47 -44.46 6.93
CA GLY A 421 -21.88 -43.75 5.83
C GLY A 421 -21.21 -42.46 6.26
N ILE A 422 -21.84 -41.75 7.19
CA ILE A 422 -21.28 -40.48 7.70
C ILE A 422 -20.04 -40.77 8.56
N THR A 423 -20.09 -41.80 9.40
CA THR A 423 -18.91 -42.14 10.19
C THR A 423 -17.74 -42.54 9.28
N ALA A 424 -18.02 -43.29 8.22
CA ALA A 424 -16.96 -43.68 7.27
C ALA A 424 -16.45 -42.48 6.46
N ALA A 425 -17.35 -41.56 6.11
CA ALA A 425 -16.97 -40.30 5.45
C ALA A 425 -16.02 -39.48 6.31
N LYS A 426 -16.31 -39.35 7.60
CA LYS A 426 -15.42 -38.65 8.55
C LYS A 426 -14.06 -39.32 8.69
N GLU A 427 -14.04 -40.65 8.74
CA GLU A 427 -12.80 -41.40 8.91
C GLU A 427 -11.87 -41.21 7.74
N LYS A 428 -12.43 -41.30 6.54
CA LYS A 428 -11.70 -41.06 5.29
C LYS A 428 -11.20 -39.60 5.25
N PHE A 429 -12.09 -38.63 5.54
CA PHE A 429 -11.76 -37.20 5.55
C PHE A 429 -10.61 -36.92 6.50
N ASP A 430 -10.73 -37.37 7.74
CA ASP A 430 -9.70 -37.10 8.75
C ASP A 430 -8.35 -37.69 8.37
N THR A 431 -8.38 -38.91 7.82
CA THR A 431 -7.17 -39.60 7.36
C THR A 431 -6.44 -38.82 6.25
N THR A 432 -7.19 -38.36 5.26
CA THR A 432 -6.61 -37.60 4.18
C THR A 432 -6.03 -36.25 4.64
N VAL A 433 -6.79 -35.53 5.46
CA VAL A 433 -6.39 -34.18 5.90
C VAL A 433 -5.09 -34.22 6.70
N LYS A 434 -4.94 -35.29 7.48
CA LYS A 434 -3.72 -35.54 8.25
C LYS A 434 -2.45 -35.54 7.36
N THR A 435 -2.59 -36.01 6.12
CA THR A 435 -1.45 -36.14 5.18
C THR A 435 -1.05 -34.81 4.53
N LEU A 436 -1.86 -33.78 4.75
CA LEU A 436 -1.70 -32.53 4.00
C LEU A 436 -0.94 -31.44 4.77
N SER A 437 0.10 -30.87 4.17
CA SER A 437 0.78 -29.73 4.78
C SER A 437 0.68 -28.55 3.84
N ILE A 438 0.63 -27.36 4.43
CA ILE A 438 0.59 -26.12 3.66
C ILE A 438 1.42 -25.09 4.39
N ASP A 439 2.12 -24.25 3.63
CA ASP A 439 2.89 -23.14 4.23
C ASP A 439 3.16 -22.14 3.13
N SER A 440 3.64 -20.96 3.50
CA SER A 440 3.79 -19.83 2.59
C SER A 440 5.07 -19.07 2.82
N ILE A 441 5.52 -18.33 1.81
CA ILE A 441 6.58 -17.35 2.00
C ILE A 441 6.14 -16.02 1.38
N GLN A 442 6.77 -14.96 1.86
CA GLN A 442 6.53 -13.64 1.32
C GLN A 442 7.91 -13.05 1.09
N PHE A 443 8.35 -13.10 -0.16
CA PHE A 443 9.66 -12.64 -0.55
C PHE A 443 9.61 -11.13 -0.71
N GLN A 444 10.26 -10.41 0.20
CA GLN A 444 10.03 -8.95 0.32
C GLN A 444 11.02 -8.08 -0.45
N ARG A 445 12.06 -8.70 -0.98
CA ARG A 445 13.14 -7.98 -1.63
C ARG A 445 12.71 -7.25 -2.91
N GLY A 446 11.78 -7.84 -3.65
CA GLY A 446 11.28 -7.24 -4.87
C GLY A 446 10.19 -8.07 -5.53
N GLY A 447 9.55 -7.47 -6.55
CA GLY A 447 8.55 -8.14 -7.41
C GLY A 447 8.51 -7.61 -8.84
N LYS A 448 7.29 -7.35 -9.33
CA LYS A 448 7.05 -6.85 -10.69
C LYS A 448 7.89 -5.62 -11.05
N GLU A 449 7.95 -4.64 -10.17
CA GLU A 449 8.65 -3.39 -10.45
C GLU A 449 10.13 -3.60 -10.81
N PHE A 450 10.85 -4.33 -9.94
CA PHE A 450 12.27 -4.62 -10.18
C PHE A 450 12.45 -5.46 -11.43
N LEU A 451 11.68 -6.53 -11.55
CA LEU A 451 11.83 -7.45 -12.68
C LEU A 451 11.51 -6.83 -14.04
N LYS A 452 10.44 -6.03 -14.10
CA LYS A 452 10.12 -5.28 -15.33
C LYS A 452 11.25 -4.33 -15.74
N LYS A 453 11.92 -3.72 -14.76
CA LYS A 453 13.08 -2.86 -15.02
C LYS A 453 14.27 -3.64 -15.55
N LYS A 454 14.36 -4.91 -15.19
CA LYS A 454 15.36 -5.80 -15.75
C LYS A 454 14.91 -6.44 -17.07
N GLN A 455 13.80 -5.95 -17.63
CA GLN A 455 13.23 -6.44 -18.91
C GLN A 455 12.91 -7.94 -18.87
N LEU A 456 12.49 -8.41 -17.70
CA LEU A 456 12.03 -9.80 -17.52
C LEU A 456 10.52 -9.90 -17.26
N SER A 457 9.93 -11.03 -17.64
CA SER A 457 8.56 -11.38 -17.25
C SER A 457 8.55 -11.81 -15.77
N PRO A 458 7.81 -11.08 -14.92
CA PRO A 458 7.65 -11.45 -13.51
C PRO A 458 7.18 -12.90 -13.36
N ASP A 459 6.21 -13.31 -14.17
CA ASP A 459 5.68 -14.67 -14.14
C ASP A 459 6.74 -15.70 -14.46
N ALA A 460 7.52 -15.45 -15.51
CA ALA A 460 8.64 -16.34 -15.84
C ALA A 460 9.63 -16.48 -14.72
N VAL A 461 9.86 -15.39 -13.99
CA VAL A 461 10.86 -15.40 -12.92
C VAL A 461 10.38 -16.29 -11.75
N ALA A 462 9.11 -16.16 -11.37
CA ALA A 462 8.57 -17.04 -10.31
C ALA A 462 8.68 -18.50 -10.74
N GLN A 463 8.34 -18.78 -11.99
CA GLN A 463 8.38 -20.14 -12.51
C GLN A 463 9.78 -20.69 -12.55
N LEU A 464 10.74 -19.84 -12.92
CA LEU A 464 12.16 -20.25 -12.90
C LEU A 464 12.56 -20.64 -11.47
N ALA A 465 12.16 -19.81 -10.51
CA ALA A 465 12.44 -20.08 -9.09
C ALA A 465 11.92 -21.45 -8.65
N PHE A 466 10.73 -21.84 -9.10
CA PHE A 466 10.21 -23.15 -8.71
C PHE A 466 11.04 -24.28 -9.30
N GLN A 467 11.45 -24.13 -10.57
CA GLN A 467 12.32 -25.10 -11.21
C GLN A 467 13.60 -25.21 -10.43
N MET A 468 14.23 -24.06 -10.19
CA MET A 468 15.50 -24.00 -9.49
C MET A 468 15.40 -24.57 -8.07
N ALA A 469 14.31 -24.23 -7.36
CA ALA A 469 14.08 -24.78 -6.01
C ALA A 469 13.91 -26.28 -6.00
N PHE A 470 13.18 -26.83 -6.97
CA PHE A 470 12.99 -28.29 -7.02
C PHE A 470 14.32 -28.99 -7.32
N LEU A 471 15.15 -28.38 -8.17
CA LEU A 471 16.49 -28.92 -8.44
C LEU A 471 17.34 -28.95 -7.16
N ARG A 472 17.30 -27.85 -6.40
CA ARG A 472 18.07 -27.75 -5.18
C ARG A 472 17.57 -28.75 -4.13
N GLN A 473 16.26 -28.93 -4.03
CA GLN A 473 15.72 -29.84 -3.02
C GLN A 473 15.81 -31.32 -3.39
N TYR A 474 15.55 -31.65 -4.65
CA TYR A 474 15.40 -33.05 -5.05
C TYR A 474 16.36 -33.53 -6.17
N GLY A 475 17.08 -32.59 -6.77
CA GLY A 475 18.04 -32.85 -7.83
C GLY A 475 17.39 -33.41 -9.10
N GLN A 476 16.16 -33.00 -9.36
CA GLN A 476 15.42 -33.48 -10.52
C GLN A 476 14.75 -32.34 -11.24
N THR A 477 14.37 -32.62 -12.50
CA THR A 477 13.54 -31.76 -13.33
C THR A 477 12.28 -32.54 -13.56
N VAL A 478 11.13 -31.96 -13.19
CA VAL A 478 9.90 -32.73 -13.21
C VAL A 478 8.77 -32.06 -13.99
N ALA A 479 7.79 -32.89 -14.36
CA ALA A 479 6.57 -32.43 -14.97
C ALA A 479 5.97 -31.25 -14.22
N THR A 480 5.75 -30.16 -14.96
CA THR A 480 5.28 -28.89 -14.39
C THR A 480 4.12 -28.30 -15.21
N TYR A 481 3.10 -27.84 -14.48
CA TYR A 481 1.86 -27.33 -15.07
C TYR A 481 1.61 -25.92 -14.57
N GLU A 482 1.32 -25.01 -15.50
CA GLU A 482 0.85 -23.67 -15.16
C GLU A 482 -0.45 -23.37 -15.90
N SER A 483 -1.53 -23.07 -15.16
CA SER A 483 -2.83 -22.74 -15.79
C SER A 483 -2.73 -21.45 -16.58
N CYS A 484 -3.44 -21.44 -17.72
CA CYS A 484 -3.55 -20.24 -18.55
C CYS A 484 -4.97 -20.17 -19.13
N SER A 485 -5.60 -19.00 -19.04
CA SER A 485 -6.98 -18.86 -19.47
C SER A 485 -7.12 -18.77 -20.99
N THR A 486 -8.06 -19.56 -21.52
CA THR A 486 -8.44 -19.47 -22.93
C THR A 486 -9.84 -18.89 -23.06
N ALA A 487 -10.24 -18.09 -22.06
CA ALA A 487 -11.59 -17.54 -22.03
C ALA A 487 -11.84 -16.46 -23.10
N ALA A 488 -10.83 -16.13 -23.90
CA ALA A 488 -11.03 -15.24 -25.04
C ALA A 488 -11.85 -15.93 -26.12
N PHE A 489 -12.00 -17.25 -26.01
CA PHE A 489 -12.74 -18.04 -26.99
C PHE A 489 -14.04 -18.59 -26.43
N LYS A 490 -14.98 -18.84 -27.33
CA LYS A 490 -16.27 -19.40 -26.96
C LYS A 490 -16.10 -20.69 -26.13
N HIS A 491 -16.72 -20.69 -24.95
CA HIS A 491 -16.62 -21.81 -23.99
C HIS A 491 -15.18 -22.14 -23.53
N GLY A 492 -14.27 -21.20 -23.73
CA GLY A 492 -12.88 -21.39 -23.34
C GLY A 492 -12.68 -21.46 -21.84
N ARG A 493 -11.81 -22.37 -21.41
CA ARG A 493 -11.52 -22.53 -20.00
C ARG A 493 -10.03 -22.34 -19.82
N THR A 494 -9.24 -23.42 -19.88
CA THR A 494 -7.79 -23.28 -19.74
C THR A 494 -6.96 -24.09 -20.76
N GLU A 495 -5.72 -23.67 -20.88
CA GLU A 495 -4.67 -24.42 -21.56
C GLU A 495 -3.47 -24.51 -20.61
N THR A 496 -2.64 -25.51 -20.81
CA THR A 496 -1.47 -25.70 -19.97
C THR A 496 -0.23 -25.01 -20.56
N ILE A 497 0.34 -24.07 -19.81
CA ILE A 497 1.70 -23.58 -20.05
C ILE A 497 2.63 -24.60 -19.42
N ARG A 498 3.69 -24.96 -20.15
CA ARG A 498 4.70 -25.88 -19.65
C ARG A 498 6.00 -25.13 -19.29
N PRO A 499 6.13 -24.69 -18.01
CA PRO A 499 7.27 -23.87 -17.64
C PRO A 499 8.63 -24.58 -17.63
N ALA A 500 8.64 -25.91 -17.51
CA ALA A 500 9.90 -26.65 -17.36
C ALA A 500 10.46 -26.81 -18.76
N SER A 501 11.42 -25.96 -19.10
CA SER A 501 11.95 -25.90 -20.48
C SER A 501 13.44 -26.21 -20.52
N ILE A 502 13.97 -26.32 -21.73
CA ILE A 502 15.38 -26.50 -21.93
C ILE A 502 16.12 -25.33 -21.28
N PHE A 503 15.57 -24.12 -21.48
CA PHE A 503 16.12 -22.92 -20.90
C PHE A 503 16.07 -22.91 -19.35
N THR A 504 14.93 -23.28 -18.73
CA THR A 504 14.91 -23.27 -17.27
C THR A 504 15.83 -24.33 -16.69
N LYS A 505 15.91 -25.48 -17.35
CA LYS A 505 16.80 -26.58 -16.90
C LYS A 505 18.26 -26.14 -16.95
N ARG A 506 18.64 -25.49 -18.04
CA ARG A 506 20.00 -25.01 -18.20
C ARG A 506 20.33 -23.97 -17.12
N CYS A 507 19.44 -23.00 -16.93
CA CYS A 507 19.66 -21.92 -15.99
C CYS A 507 19.63 -22.46 -14.54
N SER A 508 18.76 -23.42 -14.26
CA SER A 508 18.73 -23.99 -12.88
C SER A 508 20.01 -24.74 -12.61
N GLU A 509 20.49 -25.51 -13.59
CA GLU A 509 21.78 -26.22 -13.45
C GLU A 509 22.95 -25.26 -13.16
N ALA A 510 22.98 -24.12 -13.84
CA ALA A 510 24.03 -23.14 -13.70
C ALA A 510 24.08 -22.57 -12.28
N PHE A 511 22.92 -22.18 -11.75
CA PHE A 511 22.82 -21.57 -10.43
C PHE A 511 23.07 -22.59 -9.32
N VAL A 512 22.53 -23.80 -9.49
CA VAL A 512 22.52 -24.81 -8.43
C VAL A 512 23.75 -25.70 -8.39
N ARG A 513 24.14 -26.23 -9.54
CA ARG A 513 25.21 -27.24 -9.58
C ARG A 513 26.59 -26.75 -9.98
N ASP A 514 26.69 -25.62 -10.66
CA ASP A 514 28.01 -25.09 -11.02
C ASP A 514 28.04 -23.56 -11.11
N PRO A 515 27.63 -22.87 -10.02
CA PRO A 515 27.54 -21.41 -10.01
C PRO A 515 28.86 -20.68 -10.21
N SER A 516 29.99 -21.34 -9.93
CA SER A 516 31.29 -20.73 -10.12
C SER A 516 31.68 -20.73 -11.60
N LYS A 517 30.98 -21.55 -12.39
CA LYS A 517 31.30 -21.76 -13.80
C LYS A 517 30.76 -20.68 -14.76
N HIS A 518 29.94 -19.76 -14.24
CA HIS A 518 29.29 -18.77 -15.10
C HIS A 518 29.44 -17.38 -14.54
N SER A 519 29.71 -16.42 -15.43
CA SER A 519 29.78 -15.02 -15.10
C SER A 519 28.39 -14.47 -14.81
N VAL A 520 28.34 -13.36 -14.08
CA VAL A 520 27.04 -12.71 -13.83
C VAL A 520 26.29 -12.36 -15.14
N GLY A 521 27.03 -11.90 -16.16
CA GLY A 521 26.44 -11.63 -17.49
C GLY A 521 25.86 -12.88 -18.15
N GLU A 522 26.57 -14.00 -18.04
CA GLU A 522 26.09 -15.26 -18.59
C GLU A 522 24.82 -15.73 -17.88
N LEU A 523 24.77 -15.56 -16.57
CA LEU A 523 23.57 -15.92 -15.80
C LEU A 523 22.41 -15.03 -16.20
N GLN A 524 22.66 -13.74 -16.32
CA GLN A 524 21.65 -12.82 -16.80
C GLN A 524 21.10 -13.19 -18.18
N HIS A 525 21.98 -13.55 -19.10
CA HIS A 525 21.53 -14.01 -20.40
C HIS A 525 20.62 -15.25 -20.29
N MET A 526 21.07 -16.24 -19.52
CA MET A 526 20.25 -17.43 -19.25
C MET A 526 18.84 -17.09 -18.72
N MET A 527 18.76 -16.13 -17.81
CA MET A 527 17.45 -15.65 -17.33
C MET A 527 16.58 -14.92 -18.38
N ALA A 528 17.20 -14.02 -19.17
CA ALA A 528 16.56 -13.39 -20.33
C ALA A 528 15.96 -14.43 -21.26
N GLU A 529 16.70 -15.50 -21.48
CA GLU A 529 16.24 -16.57 -22.38
C GLU A 529 15.05 -17.34 -21.82
N CYS A 530 15.15 -17.66 -20.54
CA CYS A 530 14.04 -18.27 -19.81
C CYS A 530 12.80 -17.41 -19.97
N SER A 531 12.97 -16.11 -19.75
CA SER A 531 11.85 -15.19 -19.75
C SER A 531 11.25 -15.11 -21.14
N LYS A 532 12.10 -15.02 -22.15
CA LYS A 532 11.59 -14.96 -23.51
C LYS A 532 10.75 -16.17 -23.85
N TYR A 533 11.31 -17.36 -23.58
CA TYR A 533 10.65 -18.59 -23.91
C TYR A 533 9.33 -18.74 -23.14
N HIS A 534 9.34 -18.35 -21.88
CA HIS A 534 8.08 -18.42 -21.08
C HIS A 534 6.98 -17.52 -21.63
N GLY A 535 7.39 -16.31 -22.00
CA GLY A 535 6.56 -15.31 -22.67
C GLY A 535 5.97 -15.89 -23.95
N GLN A 536 6.81 -16.58 -24.72
CA GLN A 536 6.32 -17.27 -25.94
C GLN A 536 5.30 -18.37 -25.67
N LEU A 537 5.61 -19.26 -24.72
CA LEU A 537 4.66 -20.28 -24.29
C LEU A 537 3.30 -19.73 -23.80
N THR A 538 3.37 -18.64 -23.03
CA THR A 538 2.20 -17.95 -22.47
C THR A 538 1.33 -17.35 -23.56
N LYS A 539 1.96 -16.64 -24.51
CA LYS A 539 1.21 -16.06 -25.64
C LYS A 539 0.53 -17.17 -26.44
N GLU A 540 1.26 -18.26 -26.71
CA GLU A 540 0.71 -19.37 -27.46
C GLU A 540 -0.45 -20.04 -26.70
N ALA A 541 -0.29 -20.31 -25.40
CA ALA A 541 -1.32 -21.04 -24.63
C ALA A 541 -2.62 -20.24 -24.60
N ALA A 542 -2.49 -18.94 -24.38
CA ALA A 542 -3.65 -18.04 -24.38
C ALA A 542 -4.39 -18.04 -25.72
N MET A 543 -3.67 -18.31 -26.81
CA MET A 543 -4.29 -18.40 -28.14
C MET A 543 -4.75 -19.83 -28.53
N GLY A 544 -4.79 -20.75 -27.57
CA GLY A 544 -5.16 -22.14 -27.83
C GLY A 544 -4.04 -22.94 -28.49
N GLN A 545 -2.82 -22.41 -28.46
CA GLN A 545 -1.69 -23.06 -29.13
C GLN A 545 -0.75 -23.81 -28.18
N GLY A 546 -1.28 -24.30 -27.07
CA GLY A 546 -0.58 -25.28 -26.29
C GLY A 546 -0.69 -26.62 -26.99
N PHE A 547 -0.08 -27.67 -26.45
CA PHE A 547 -0.28 -28.99 -27.02
C PHE A 547 -1.20 -29.89 -26.16
N ASP A 548 -1.38 -29.53 -24.89
CA ASP A 548 -2.03 -30.46 -23.94
C ASP A 548 -3.51 -30.75 -24.25
N ARG A 549 -4.29 -29.70 -24.45
CA ARG A 549 -5.71 -29.86 -24.69
C ARG A 549 -5.95 -30.61 -25.98
N HIS A 550 -5.14 -30.31 -27.00
CA HIS A 550 -5.29 -30.97 -28.29
C HIS A 550 -4.98 -32.47 -28.24
N LEU A 551 -3.83 -32.86 -27.69
CA LEU A 551 -3.54 -34.28 -27.43
C LEU A 551 -4.58 -34.97 -26.51
N TYR A 552 -5.07 -34.23 -25.52
CA TYR A 552 -6.15 -34.71 -24.67
C TYR A 552 -7.41 -35.07 -25.48
N ALA A 553 -7.81 -34.18 -26.38
CA ALA A 553 -9.05 -34.37 -27.17
C ALA A 553 -8.93 -35.51 -28.16
N LEU A 554 -7.73 -35.72 -28.69
CA LEU A 554 -7.50 -36.79 -29.64
C LEU A 554 -7.64 -38.13 -28.93
N ARG A 555 -7.10 -38.21 -27.72
CA ARG A 555 -7.20 -39.46 -26.93
C ARG A 555 -8.68 -39.73 -26.55
N TYR A 556 -9.35 -38.67 -26.12
CA TYR A 556 -10.75 -38.77 -25.76
C TYR A 556 -11.58 -39.27 -26.94
N LEU A 557 -11.30 -38.74 -28.13
CA LEU A 557 -12.03 -39.12 -29.33
C LEU A 557 -11.83 -40.60 -29.72
N ALA A 558 -10.59 -41.10 -29.64
CA ALA A 558 -10.32 -42.53 -29.87
C ALA A 558 -11.15 -43.37 -28.92
N THR A 559 -11.14 -42.98 -27.66
CA THR A 559 -11.82 -43.71 -26.63
C THR A 559 -13.33 -43.65 -26.87
N ALA A 560 -13.84 -42.46 -27.16
CA ALA A 560 -15.29 -42.30 -27.38
C ALA A 560 -15.81 -43.07 -28.60
N ARG A 561 -14.97 -43.21 -29.62
CA ARG A 561 -15.32 -43.96 -30.84
C ARG A 561 -15.11 -45.47 -30.68
N GLY A 562 -14.66 -45.91 -29.50
CA GLY A 562 -14.54 -47.34 -29.19
C GLY A 562 -13.28 -48.02 -29.70
N LEU A 563 -12.22 -47.24 -29.88
CA LEU A 563 -10.96 -47.73 -30.40
C LEU A 563 -9.96 -47.95 -29.26
N ASN A 564 -8.97 -48.80 -29.51
CA ASN A 564 -7.88 -49.01 -28.54
C ASN A 564 -7.07 -47.74 -28.44
N LEU A 565 -6.56 -47.47 -27.25
CA LEU A 565 -5.69 -46.33 -27.01
C LEU A 565 -4.51 -46.38 -27.97
N PRO A 566 -4.31 -45.30 -28.77
CA PRO A 566 -3.09 -45.20 -29.57
C PRO A 566 -1.81 -45.37 -28.76
N GLU A 567 -0.77 -45.90 -29.39
CA GLU A 567 0.51 -46.18 -28.72
C GLU A 567 1.19 -44.94 -28.13
N LEU A 568 0.94 -43.77 -28.72
CA LEU A 568 1.48 -42.52 -28.17
C LEU A 568 1.05 -42.37 -26.71
N TYR A 569 -0.19 -42.76 -26.43
CA TYR A 569 -0.71 -42.56 -25.09
C TYR A 569 -0.28 -43.62 -24.06
N LEU A 570 0.31 -44.71 -24.54
CA LEU A 570 0.79 -45.79 -23.66
C LEU A 570 2.25 -45.57 -23.26
N ASP A 571 2.91 -44.68 -23.95
CA ASP A 571 4.27 -44.24 -23.66
C ASP A 571 4.31 -43.73 -22.23
N PRO A 572 5.19 -44.32 -21.39
CA PRO A 572 5.31 -43.84 -20.01
C PRO A 572 5.61 -42.36 -19.97
N ALA A 573 6.27 -41.84 -21.02
CA ALA A 573 6.58 -40.39 -21.11
C ALA A 573 5.31 -39.55 -21.19
N TYR A 574 4.27 -40.10 -21.84
CA TYR A 574 3.00 -39.38 -21.88
C TYR A 574 2.39 -39.30 -20.48
N GLN A 575 2.39 -40.44 -19.79
CA GLN A 575 1.94 -40.52 -18.40
C GLN A 575 2.73 -39.61 -17.49
N GLN A 576 4.06 -39.64 -17.62
CA GLN A 576 4.90 -38.79 -16.79
C GLN A 576 4.59 -37.30 -17.03
N MET A 577 4.34 -36.93 -18.29
CA MET A 577 4.10 -35.53 -18.63
C MET A 577 2.83 -35.04 -17.97
N ASN A 578 1.92 -35.98 -17.71
CA ASN A 578 0.59 -35.63 -17.17
C ASN A 578 0.41 -36.00 -15.70
N HIS A 579 1.54 -36.29 -15.07
CA HIS A 579 1.66 -36.52 -13.62
C HIS A 579 2.40 -35.30 -13.05
N ASN A 580 1.65 -34.22 -12.77
CA ASN A 580 2.25 -32.90 -12.53
C ASN A 580 2.73 -32.65 -11.12
N ILE A 581 3.97 -33.04 -10.90
CA ILE A 581 4.63 -32.86 -9.62
C ILE A 581 4.58 -31.37 -9.18
N LEU A 582 4.78 -30.46 -10.12
CA LEU A 582 4.68 -29.04 -9.81
C LEU A 582 3.43 -28.53 -10.50
N SER A 583 2.36 -28.30 -9.72
CA SER A 583 1.12 -27.80 -10.29
C SER A 583 1.02 -26.37 -9.80
N THR A 584 0.88 -25.42 -10.72
CA THR A 584 0.95 -23.99 -10.35
C THR A 584 -0.19 -23.18 -10.96
N SER A 585 -0.57 -22.11 -10.24
CA SER A 585 -1.54 -21.16 -10.74
C SER A 585 -1.41 -19.83 -9.99
N THR A 586 -1.72 -18.73 -10.67
CA THR A 586 -1.60 -17.41 -10.10
C THR A 586 -2.84 -16.60 -10.46
N LEU A 587 -3.24 -15.72 -9.55
CA LEU A 587 -4.26 -14.71 -9.83
C LEU A 587 -3.73 -13.40 -9.29
N ASN A 588 -4.14 -12.30 -9.93
CA ASN A 588 -3.66 -10.97 -9.59
C ASN A 588 -4.86 -10.12 -9.19
N SER A 589 -4.94 -9.75 -7.92
CA SER A 589 -6.07 -8.94 -7.43
C SER A 589 -5.76 -8.24 -6.10
N PRO A 590 -6.14 -6.96 -5.95
CA PRO A 590 -6.03 -6.31 -4.63
C PRO A 590 -7.06 -6.78 -3.58
N ALA A 591 -8.01 -7.60 -4.01
CA ALA A 591 -8.99 -8.20 -3.11
C ALA A 591 -8.48 -9.50 -2.50
N VAL A 592 -7.43 -10.08 -3.08
CA VAL A 592 -6.96 -11.41 -2.65
C VAL A 592 -5.86 -11.39 -1.60
N SER A 593 -6.09 -12.03 -0.46
CA SER A 593 -5.06 -12.11 0.57
C SER A 593 -4.14 -13.29 0.29
N LEU A 594 -4.76 -14.42 -0.03
CA LEU A 594 -4.04 -15.62 -0.46
C LEU A 594 -5.06 -16.61 -1.04
N GLY A 595 -4.55 -17.70 -1.60
CA GLY A 595 -5.38 -18.74 -2.19
C GLY A 595 -4.59 -20.02 -2.14
N GLY A 596 -5.20 -21.10 -2.61
CA GLY A 596 -4.52 -22.35 -2.48
C GLY A 596 -5.28 -23.49 -3.09
N PHE A 597 -4.53 -24.55 -3.35
CA PHE A 597 -5.06 -25.84 -3.78
C PHE A 597 -4.06 -26.91 -3.38
N ALA A 598 -4.59 -28.11 -3.14
CA ALA A 598 -3.79 -29.26 -2.81
C ALA A 598 -3.05 -29.72 -4.06
N PRO A 599 -2.00 -30.57 -3.87
CA PRO A 599 -1.33 -31.11 -5.05
C PRO A 599 -2.28 -32.02 -5.85
N VAL A 600 -1.98 -32.18 -7.14
CA VAL A 600 -2.82 -32.97 -8.05
C VAL A 600 -2.37 -34.42 -8.16
N VAL A 601 -1.23 -34.74 -7.55
CA VAL A 601 -0.73 -36.09 -7.49
C VAL A 601 -0.18 -36.31 -6.10
N PRO A 602 -0.10 -37.59 -5.64
CA PRO A 602 0.37 -37.88 -4.27
C PRO A 602 1.75 -37.31 -3.94
N ASP A 603 2.65 -37.32 -4.92
CA ASP A 603 4.00 -36.84 -4.66
C ASP A 603 4.20 -35.46 -5.29
N GLY A 604 3.16 -34.63 -5.21
CA GLY A 604 3.17 -33.29 -5.80
C GLY A 604 3.18 -32.14 -4.80
N PHE A 605 3.41 -30.94 -5.34
CA PHE A 605 3.16 -29.66 -4.70
C PHE A 605 2.03 -28.94 -5.42
N GLY A 606 1.12 -28.34 -4.64
CA GLY A 606 0.14 -27.39 -5.17
C GLY A 606 0.61 -25.98 -4.88
N ILE A 607 1.06 -25.27 -5.92
CA ILE A 607 1.69 -23.96 -5.75
C ILE A 607 0.80 -22.80 -6.23
N ALA A 608 0.21 -22.08 -5.27
CA ALA A 608 -0.56 -20.88 -5.58
C ALA A 608 0.37 -19.71 -5.35
N TYR A 609 0.53 -18.82 -6.33
CA TYR A 609 1.48 -17.72 -6.14
C TYR A 609 0.97 -16.41 -6.72
N ALA A 610 1.57 -15.31 -6.30
CA ALA A 610 1.32 -14.02 -6.92
C ALA A 610 2.58 -13.16 -6.88
N VAL A 611 2.87 -12.50 -7.98
CA VAL A 611 3.94 -11.51 -8.02
C VAL A 611 3.27 -10.13 -7.91
N HIS A 612 3.58 -9.43 -6.83
CA HIS A 612 3.12 -8.07 -6.59
C HIS A 612 4.18 -7.08 -7.04
N ASP A 613 3.86 -5.78 -6.98
CA ASP A 613 4.85 -4.75 -7.33
C ASP A 613 6.15 -4.83 -6.56
N ASP A 614 6.05 -5.18 -5.28
CA ASP A 614 7.17 -5.05 -4.36
C ASP A 614 7.61 -6.37 -3.77
N TRP A 615 6.82 -7.43 -3.98
CA TRP A 615 7.05 -8.72 -3.33
C TRP A 615 6.44 -9.90 -4.09
N ILE A 616 6.84 -11.12 -3.70
CA ILE A 616 6.32 -12.33 -4.33
C ILE A 616 5.91 -13.29 -3.24
N GLY A 617 4.68 -13.76 -3.33
CA GLY A 617 4.10 -14.68 -2.35
C GLY A 617 3.85 -16.02 -2.99
N CYS A 618 4.04 -17.07 -2.20
CA CYS A 618 3.70 -18.42 -2.61
C CYS A 618 3.04 -19.07 -1.44
N ASN A 619 1.99 -19.82 -1.71
CA ASN A 619 1.36 -20.67 -0.69
C ASN A 619 1.38 -22.07 -1.28
N VAL A 620 2.15 -22.96 -0.66
CA VAL A 620 2.45 -24.26 -1.24
C VAL A 620 1.88 -25.40 -0.38
N SER A 621 1.17 -26.31 -1.01
CA SER A 621 0.66 -27.52 -0.35
C SER A 621 1.48 -28.74 -0.76
N SER A 622 1.40 -29.78 0.08
CA SER A 622 2.08 -31.03 -0.16
C SER A 622 1.38 -32.12 0.63
N TYR A 623 1.54 -33.35 0.17
CA TYR A 623 1.23 -34.52 0.98
C TYR A 623 2.51 -35.05 1.69
N SER A 624 2.41 -36.20 2.36
CA SER A 624 3.53 -36.77 3.11
C SER A 624 4.81 -37.00 2.29
N GLY A 625 4.66 -37.36 1.03
CA GLY A 625 5.81 -37.68 0.19
C GLY A 625 6.63 -36.52 -0.34
N ARG A 626 6.21 -35.29 -0.08
CA ARG A 626 7.02 -34.11 -0.37
C ARG A 626 7.12 -33.22 0.87
N ASN A 627 8.00 -32.24 0.85
CA ASN A 627 8.21 -31.40 2.02
C ASN A 627 8.05 -29.94 1.59
N ALA A 628 6.89 -29.35 1.90
CA ALA A 628 6.59 -27.99 1.49
C ALA A 628 7.47 -26.96 2.20
N ARG A 629 7.83 -27.23 3.46
CA ARG A 629 8.66 -26.29 4.24
C ARG A 629 10.07 -26.16 3.64
N GLU A 630 10.67 -27.29 3.31
CA GLU A 630 11.96 -27.29 2.65
C GLU A 630 11.87 -26.66 1.24
N PHE A 631 10.82 -27.01 0.50
CA PHE A 631 10.64 -26.42 -0.84
C PHE A 631 10.63 -24.88 -0.78
N LEU A 632 9.88 -24.35 0.17
CA LEU A 632 9.76 -22.90 0.32
C LEU A 632 11.08 -22.26 0.76
N HIS A 633 11.85 -22.95 1.57
CA HIS A 633 13.19 -22.47 1.93
C HIS A 633 14.04 -22.43 0.68
N CYS A 634 13.84 -23.41 -0.20
CA CYS A 634 14.58 -23.45 -1.48
C CYS A 634 14.15 -22.35 -2.43
N VAL A 635 12.84 -22.10 -2.50
CA VAL A 635 12.29 -21.00 -3.29
C VAL A 635 12.85 -19.65 -2.85
N GLN A 636 12.84 -19.39 -1.55
CA GLN A 636 13.42 -18.16 -1.01
C GLN A 636 14.89 -17.97 -1.43
N LYS A 637 15.70 -19.03 -1.30
CA LYS A 637 17.14 -19.01 -1.65
C LYS A 637 17.34 -18.74 -3.14
N CYS A 638 16.54 -19.42 -3.95
CA CYS A 638 16.57 -19.22 -5.39
C CYS A 638 16.19 -17.79 -5.78
N LEU A 639 15.18 -17.22 -5.11
CA LEU A 639 14.80 -15.86 -5.41
C LEU A 639 15.91 -14.90 -5.02
N GLU A 640 16.58 -15.16 -3.88
CA GLU A 640 17.76 -14.39 -3.48
C GLU A 640 18.89 -14.47 -4.53
N ASP A 641 19.18 -15.68 -5.01
CA ASP A 641 20.21 -15.88 -6.04
C ASP A 641 19.90 -15.14 -7.35
N ILE A 642 18.64 -15.22 -7.76
CA ILE A 642 18.12 -14.60 -8.98
C ILE A 642 18.27 -13.09 -8.87
N PHE A 643 17.85 -12.53 -7.74
CA PHE A 643 17.89 -11.07 -7.57
C PHE A 643 19.34 -10.59 -7.42
N ASP A 644 20.17 -11.37 -6.75
CA ASP A 644 21.62 -11.10 -6.68
C ASP A 644 22.24 -10.98 -8.07
N ALA A 645 22.04 -12.02 -8.89
CA ALA A 645 22.59 -12.05 -10.25
C ALA A 645 22.08 -10.87 -11.10
N LEU A 646 20.81 -10.54 -10.96
CA LEU A 646 20.21 -9.41 -11.67
C LEU A 646 20.78 -8.07 -11.25
N GLU A 647 21.23 -7.96 -10.00
CA GLU A 647 21.91 -6.75 -9.48
C GLU A 647 23.41 -6.80 -9.73
N GLY A 648 23.87 -7.84 -10.42
CA GLY A 648 25.28 -7.96 -10.82
C GLY A 648 26.17 -8.44 -9.69
N LYS A 649 25.54 -8.82 -8.59
CA LYS A 649 26.27 -9.33 -7.42
C LYS A 649 26.65 -10.78 -7.67
N ALA A 650 27.88 -11.16 -7.32
CA ALA A 650 28.30 -12.57 -7.40
C ALA A 650 27.48 -13.42 -6.43
N ILE A 651 27.03 -14.59 -6.84
CA ILE A 651 26.06 -15.32 -5.99
C ILE A 651 26.64 -15.95 -4.72
N LYS A 652 25.85 -15.86 -3.66
CA LYS A 652 26.18 -16.43 -2.35
C LYS A 652 26.01 -17.94 -2.35
N THR A 653 27.09 -18.65 -2.09
CA THR A 653 27.07 -20.11 -2.09
C THR A 653 27.54 -20.66 -0.74
N ASP B 27 20.36 47.65 -6.64
CA ASP B 27 21.19 47.14 -5.50
C ASP B 27 21.00 45.64 -5.30
N ASP B 28 21.80 45.06 -4.39
CA ASP B 28 21.84 43.62 -4.20
C ASP B 28 20.84 43.14 -3.13
N TYR B 29 19.95 44.00 -2.63
CA TYR B 29 19.06 43.63 -1.50
C TYR B 29 17.62 43.45 -1.89
N LEU B 30 16.96 42.42 -1.35
CA LEU B 30 15.54 42.18 -1.72
C LEU B 30 14.53 42.90 -0.83
N GLN B 31 15.02 43.62 0.16
CA GLN B 31 14.17 44.40 1.06
C GLN B 31 15.05 45.52 1.60
N HIS B 32 14.42 46.57 2.10
CA HIS B 32 15.12 47.76 2.52
C HIS B 32 14.51 48.31 3.82
N SER B 33 14.34 47.43 4.80
CA SER B 33 13.73 47.83 6.08
C SER B 33 14.41 49.03 6.73
N ILE B 34 13.62 50.04 7.14
CA ILE B 34 14.17 51.15 7.97
C ILE B 34 14.34 50.73 9.44
N VAL B 35 13.65 49.65 9.83
CA VAL B 35 13.82 49.05 11.15
C VAL B 35 14.81 47.89 11.05
N PRO B 36 15.96 47.94 11.79
CA PRO B 36 16.93 46.85 11.67
C PRO B 36 16.29 45.48 11.93
N THR B 37 16.58 44.53 11.06
CA THR B 37 16.08 43.16 11.24
C THR B 37 15.99 42.73 12.71
N MET B 38 17.07 42.90 13.47
CA MET B 38 17.13 42.35 14.82
C MET B 38 16.72 43.37 15.86
N HIS B 39 15.95 44.38 15.44
CA HIS B 39 15.64 45.52 16.34
C HIS B 39 14.93 45.10 17.62
N TYR B 40 14.15 44.01 17.55
CA TYR B 40 13.34 43.59 18.71
C TYR B 40 13.97 42.48 19.56
N GLN B 41 15.08 41.90 19.11
CA GLN B 41 15.61 40.70 19.75
C GLN B 41 15.96 40.90 21.23
N ASP B 42 16.63 42.01 21.53
CA ASP B 42 17.01 42.30 22.90
C ASP B 42 15.84 42.37 23.89
N SER B 43 14.68 42.85 23.45
CA SER B 43 13.55 43.05 24.36
C SER B 43 12.44 42.02 24.22
N LEU B 44 12.68 40.93 23.47
CA LEU B 44 11.69 39.84 23.42
C LEU B 44 11.35 39.31 24.82
N PRO B 45 10.07 38.94 25.05
CA PRO B 45 9.75 38.40 26.37
C PRO B 45 10.36 37.02 26.53
N ARG B 46 10.62 36.58 27.77
CA ARG B 46 11.18 35.26 27.98
C ARG B 46 10.05 34.24 27.97
N LEU B 47 10.37 33.05 27.48
CA LEU B 47 9.40 31.97 27.41
C LEU B 47 8.91 31.62 28.83
N PRO B 48 7.60 31.75 29.07
CA PRO B 48 7.01 31.47 30.39
C PRO B 48 7.18 30.00 30.75
N ILE B 49 7.29 29.73 32.05
CA ILE B 49 7.20 28.37 32.56
C ILE B 49 5.84 28.30 33.26
N PRO B 50 4.98 27.35 32.85
CA PRO B 50 3.64 27.24 33.42
C PRO B 50 3.76 26.86 34.90
N LYS B 51 2.73 27.19 35.68
CA LYS B 51 2.59 26.67 37.03
C LYS B 51 2.47 25.16 36.91
N LEU B 52 3.17 24.42 37.76
CA LEU B 52 3.12 22.96 37.72
C LEU B 52 1.70 22.44 37.82
N GLU B 53 0.86 23.09 38.64
CA GLU B 53 -0.52 22.69 38.83
C GLU B 53 -1.29 22.68 37.52
N ASP B 54 -1.03 23.70 36.70
CA ASP B 54 -1.66 23.84 35.39
C ASP B 54 -1.16 22.76 34.43
N THR B 55 0.15 22.53 34.42
CA THR B 55 0.74 21.48 33.60
C THR B 55 0.15 20.08 33.92
N MET B 56 -0.03 19.77 35.20
CA MET B 56 -0.56 18.46 35.57
C MET B 56 -2.02 18.30 35.13
N LYS B 57 -2.81 19.37 35.32
CA LYS B 57 -4.21 19.39 34.86
C LYS B 57 -4.33 19.21 33.32
N ARG B 58 -3.46 19.90 32.59
CA ARG B 58 -3.50 19.89 31.13
C ARG B 58 -3.01 18.53 30.60
N TYR B 59 -1.98 17.98 31.25
CA TYR B 59 -1.51 16.65 30.92
C TYR B 59 -2.66 15.65 31.08
N LEU B 60 -3.36 15.70 32.21
CA LEU B 60 -4.48 14.80 32.45
C LEU B 60 -5.66 15.01 31.48
N ASN B 61 -5.96 16.26 31.15
CA ASN B 61 -7.00 16.55 30.13
C ASN B 61 -6.71 15.91 28.79
N ALA B 62 -5.43 15.88 28.42
CA ALA B 62 -5.03 15.28 27.13
C ALA B 62 -4.99 13.74 27.24
N GLN B 63 -4.82 13.22 28.46
CA GLN B 63 -4.78 11.77 28.69
C GLN B 63 -6.18 11.19 28.69
N LYS B 64 -7.16 12.03 29.02
CA LYS B 64 -8.54 11.57 29.25
C LYS B 64 -9.13 10.79 28.08
N PRO B 65 -9.04 11.34 26.85
CA PRO B 65 -9.54 10.61 25.68
C PRO B 65 -8.70 9.38 25.24
N LEU B 66 -7.48 9.23 25.77
CA LEU B 66 -6.57 8.15 25.39
C LEU B 66 -6.59 6.92 26.29
N LEU B 67 -6.87 7.09 27.57
CA LEU B 67 -6.67 6.01 28.54
C LEU B 67 -7.98 5.36 28.93
N ASP B 68 -7.95 4.07 29.28
CA ASP B 68 -9.14 3.49 29.90
C ASP B 68 -9.22 3.97 31.36
N ASP B 69 -10.35 3.69 32.02
CA ASP B 69 -10.57 4.20 33.39
C ASP B 69 -9.47 3.80 34.35
N SER B 70 -9.05 2.53 34.24
CA SER B 70 -8.02 1.99 35.11
C SER B 70 -6.67 2.69 34.92
N GLN B 71 -6.27 2.83 33.65
CA GLN B 71 -5.03 3.53 33.32
C GLN B 71 -5.05 4.99 33.75
N PHE B 72 -6.19 5.63 33.56
CA PHE B 72 -6.34 7.03 33.93
C PHE B 72 -6.21 7.21 35.44
N ARG B 73 -6.75 6.25 36.21
CA ARG B 73 -6.59 6.34 37.66
C ARG B 73 -5.13 6.18 38.08
N ARG B 74 -4.42 5.24 37.45
CA ARG B 74 -2.99 5.08 37.72
C ARG B 74 -2.24 6.36 37.41
N THR B 75 -2.51 6.96 36.25
CA THR B 75 -1.81 8.18 35.84
C THR B 75 -2.13 9.34 36.79
N GLU B 76 -3.38 9.45 37.20
CA GLU B 76 -3.79 10.45 38.19
C GLU B 76 -3.01 10.35 39.50
N ALA B 77 -2.81 9.12 40.01
CA ALA B 77 -2.05 8.89 41.24
C ALA B 77 -0.60 9.34 41.08
N LEU B 78 -0.01 9.00 39.95
CA LEU B 78 1.34 9.42 39.62
C LEU B 78 1.50 10.94 39.52
N CYS B 79 0.52 11.59 38.88
CA CYS B 79 0.50 13.04 38.77
C CYS B 79 0.46 13.69 40.14
N LYS B 80 -0.42 13.17 41.00
CA LYS B 80 -0.53 13.66 42.38
C LYS B 80 0.82 13.60 43.10
N ASN B 81 1.48 12.45 43.09
CA ASN B 81 2.79 12.27 43.73
C ASN B 81 3.88 13.18 43.16
N PHE B 82 3.89 13.31 41.85
CA PHE B 82 4.87 14.12 41.16
C PHE B 82 4.76 15.61 41.59
N GLU B 83 3.53 16.10 41.60
CA GLU B 83 3.23 17.51 41.86
C GLU B 83 3.60 17.90 43.28
N THR B 84 3.52 16.95 44.19
CA THR B 84 3.77 17.23 45.59
C THR B 84 5.21 16.91 45.98
N GLY B 85 5.86 16.05 45.17
CA GLY B 85 7.19 15.55 45.47
C GLY B 85 8.28 15.96 44.51
N VAL B 86 8.79 14.97 43.78
CA VAL B 86 10.00 15.17 42.98
C VAL B 86 9.77 16.21 41.89
N GLY B 87 8.56 16.25 41.33
CA GLY B 87 8.24 17.21 40.27
C GLY B 87 8.26 18.62 40.82
N LYS B 88 7.64 18.81 41.99
CA LYS B 88 7.68 20.12 42.67
C LYS B 88 9.11 20.65 42.81
N GLU B 89 10.03 19.78 43.18
CA GLU B 89 11.44 20.15 43.32
C GLU B 89 12.18 20.33 42.01
N LEU B 90 11.93 19.44 41.05
CA LEU B 90 12.45 19.64 39.68
C LEU B 90 12.01 21.03 39.15
N HIS B 91 10.77 21.41 39.43
CA HIS B 91 10.21 22.67 38.97
C HIS B 91 10.86 23.87 39.67
N ALA B 92 11.00 23.80 40.99
CA ALA B 92 11.69 24.87 41.75
C ALA B 92 13.07 25.08 41.15
N HIS B 93 13.76 23.97 40.88
CA HIS B 93 15.08 24.02 40.27
C HIS B 93 15.06 24.58 38.83
N LEU B 94 14.08 24.13 38.02
CA LEU B 94 13.92 24.64 36.66
C LEU B 94 13.78 26.17 36.62
N LEU B 95 12.93 26.67 37.51
CA LEU B 95 12.68 28.11 37.64
C LEU B 95 13.91 28.89 38.10
N ALA B 96 14.67 28.31 39.03
CA ALA B 96 15.92 28.89 39.52
C ALA B 96 16.98 28.98 38.41
N GLN B 97 16.99 27.95 37.57
CA GLN B 97 17.96 27.85 36.48
C GLN B 97 17.61 28.86 35.41
N ASP B 98 16.30 29.03 35.19
CA ASP B 98 15.79 29.95 34.18
C ASP B 98 16.14 31.40 34.51
N LYS B 99 16.05 31.74 35.79
CA LYS B 99 16.39 33.08 36.27
C LYS B 99 17.91 33.36 36.19
N GLN B 100 18.70 32.30 36.22
CA GLN B 100 20.14 32.39 35.98
C GLN B 100 20.51 32.46 34.49
N ASN B 101 19.51 32.33 33.61
CA ASN B 101 19.73 32.16 32.18
C ASN B 101 18.71 32.93 31.36
N LYS B 102 18.59 34.21 31.67
CA LYS B 102 17.55 35.06 31.12
C LYS B 102 17.73 35.38 29.64
N HIS B 103 18.91 35.06 29.10
CA HIS B 103 19.23 35.33 27.71
C HIS B 103 18.67 34.24 26.77
N THR B 104 18.09 33.20 27.35
CA THR B 104 17.62 32.09 26.54
C THR B 104 16.28 31.57 27.07
N SER B 105 15.93 30.35 26.74
CA SER B 105 14.70 29.75 27.32
C SER B 105 15.05 28.45 28.04
N TYR B 106 14.12 28.00 28.89
CA TYR B 106 14.34 26.80 29.67
C TYR B 106 14.38 25.53 28.82
N ILE B 107 13.81 25.63 27.62
CA ILE B 107 13.65 24.47 26.76
C ILE B 107 14.63 24.46 25.61
N SER B 108 15.31 25.59 25.38
CA SER B 108 16.16 25.69 24.20
C SER B 108 17.27 24.64 24.17
N GLY B 109 18.03 24.51 25.27
CA GLY B 109 19.09 23.50 25.39
C GLY B 109 18.58 22.07 25.19
N PRO B 110 17.64 21.63 26.04
CA PRO B 110 17.02 20.32 25.84
C PRO B 110 16.48 20.08 24.42
N TRP B 111 15.82 21.06 23.81
CA TRP B 111 15.27 20.90 22.47
C TRP B 111 16.37 20.69 21.42
N PHE B 112 17.44 21.48 21.46
CA PHE B 112 18.59 21.22 20.58
C PHE B 112 19.12 19.79 20.80
N ASP B 113 19.20 19.36 22.06
CA ASP B 113 19.67 18.00 22.39
C ASP B 113 18.75 16.91 21.85
N MET B 114 17.43 17.12 21.95
CA MET B 114 16.45 16.23 21.34
C MET B 114 16.85 15.89 19.89
N TYR B 115 17.11 16.93 19.09
CA TYR B 115 17.54 16.72 17.69
C TYR B 115 18.97 16.17 17.56
N LEU B 116 19.92 16.80 18.24
CA LEU B 116 21.35 16.54 17.98
C LEU B 116 21.86 15.22 18.58
N THR B 117 21.23 14.77 19.66
CA THR B 117 21.63 13.50 20.29
C THR B 117 21.00 12.30 19.59
N ALA B 118 19.92 12.54 18.82
CA ALA B 118 19.22 11.48 18.12
C ALA B 118 20.18 10.78 17.17
N ARG B 119 20.15 9.45 17.20
CA ARG B 119 21.09 8.61 16.47
C ARG B 119 20.52 8.06 15.16
N ASP B 120 19.18 8.08 15.05
CA ASP B 120 18.49 7.62 13.85
C ASP B 120 18.85 8.53 12.69
N SER B 121 18.62 8.07 11.46
CA SER B 121 18.81 8.90 10.28
C SER B 121 18.00 10.18 10.40
N ILE B 122 18.55 11.27 9.90
CA ILE B 122 17.78 12.53 9.81
C ILE B 122 16.71 12.53 8.70
N VAL B 123 16.91 11.69 7.69
CA VAL B 123 15.95 11.50 6.60
C VAL B 123 14.72 10.76 7.10
N LEU B 124 13.56 11.30 6.75
CA LEU B 124 12.25 10.81 7.19
C LEU B 124 12.03 11.12 8.65
N ASN B 125 12.92 10.68 9.53
CA ASN B 125 12.68 10.90 10.96
C ASN B 125 12.51 12.38 11.30
N PHE B 126 13.30 13.24 10.65
CA PHE B 126 13.31 14.65 11.00
C PHE B 126 13.14 15.64 9.82
N ASN B 127 13.97 15.50 8.79
CA ASN B 127 13.98 16.47 7.68
C ASN B 127 12.66 16.57 6.90
N PRO B 128 12.01 17.74 6.88
CA PRO B 128 10.81 17.91 6.08
C PRO B 128 11.07 18.71 4.79
N PHE B 129 10.05 18.92 3.96
CA PHE B 129 10.19 19.81 2.82
C PHE B 129 8.99 20.74 2.66
N MET B 130 9.22 21.88 2.02
CA MET B 130 8.14 22.69 1.46
C MET B 130 8.47 23.01 0.00
N ALA B 131 7.48 22.82 -0.90
CA ALA B 131 7.71 23.02 -2.34
C ALA B 131 7.10 24.30 -2.82
N PHE B 132 7.78 24.96 -3.77
CA PHE B 132 7.26 26.21 -4.35
C PHE B 132 6.13 26.00 -5.36
N ASN B 133 5.22 26.96 -5.47
CA ASN B 133 4.46 27.09 -6.69
C ASN B 133 5.39 27.42 -7.88
N PRO B 134 4.97 27.14 -9.13
CA PRO B 134 5.83 27.48 -10.27
C PRO B 134 5.89 29.00 -10.45
N ASP B 135 6.85 29.50 -11.22
CA ASP B 135 6.75 30.88 -11.66
C ASP B 135 5.46 30.93 -12.52
N PRO B 136 4.61 31.95 -12.30
CA PRO B 136 3.42 32.11 -13.13
C PRO B 136 3.74 32.40 -14.61
N LYS B 137 4.98 32.75 -14.91
CA LYS B 137 5.42 32.93 -16.29
C LYS B 137 6.05 31.62 -16.79
N SER B 138 5.39 30.98 -17.75
CA SER B 138 5.70 29.60 -18.14
C SER B 138 7.19 29.37 -18.38
N GLU B 139 7.80 30.17 -19.25
CA GLU B 139 9.21 29.94 -19.63
C GLU B 139 10.24 30.20 -18.51
N TYR B 140 9.83 30.90 -17.46
CA TYR B 140 10.71 31.07 -16.29
C TYR B 140 10.89 29.78 -15.44
N ASN B 141 10.15 28.72 -15.79
CA ASN B 141 10.28 27.44 -15.12
C ASN B 141 11.28 26.53 -15.81
N ASP B 142 11.89 27.04 -16.88
CA ASP B 142 13.09 26.39 -17.42
C ASP B 142 14.08 26.12 -16.28
N GLN B 143 14.65 24.91 -16.21
CA GLN B 143 15.51 24.51 -15.07
C GLN B 143 16.72 25.43 -14.86
N LEU B 144 17.44 25.74 -15.94
CA LEU B 144 18.63 26.61 -15.85
C LEU B 144 18.22 28.01 -15.37
N THR B 145 17.17 28.54 -15.97
CA THR B 145 16.65 29.86 -15.65
C THR B 145 16.19 29.90 -14.21
N ARG B 146 15.38 28.94 -13.80
CA ARG B 146 14.86 28.96 -12.42
C ARG B 146 15.91 28.66 -11.36
N ALA B 147 16.81 27.74 -11.66
CA ALA B 147 17.91 27.44 -10.75
C ALA B 147 18.76 28.68 -10.52
N THR B 148 19.04 29.41 -11.59
CA THR B 148 19.77 30.67 -11.49
C THR B 148 18.99 31.71 -10.66
N ASN B 149 17.71 31.88 -10.96
CA ASN B 149 16.88 32.92 -10.33
C ASN B 149 16.62 32.63 -8.84
N LEU B 150 16.31 31.38 -8.52
CA LEU B 150 16.17 31.01 -7.09
C LEU B 150 17.51 31.15 -6.33
N THR B 151 18.62 30.74 -6.93
CA THR B 151 19.94 30.92 -6.30
C THR B 151 20.26 32.40 -6.04
N VAL B 152 20.13 33.23 -7.07
CA VAL B 152 20.39 34.66 -6.92
C VAL B 152 19.49 35.25 -5.81
N SER B 153 18.22 34.90 -5.82
CA SER B 153 17.29 35.35 -4.76
C SER B 153 17.70 34.87 -3.37
N ALA B 154 18.14 33.60 -3.25
CA ALA B 154 18.60 33.08 -1.97
C ALA B 154 19.80 33.88 -1.44
N VAL B 155 20.72 34.25 -2.35
CA VAL B 155 21.93 35.02 -1.98
C VAL B 155 21.64 36.47 -1.61
N ARG B 156 20.69 37.09 -2.34
CA ARG B 156 20.16 38.42 -1.99
C ARG B 156 19.53 38.38 -0.59
N PHE B 157 18.77 37.34 -0.31
CA PHE B 157 18.23 37.16 1.02
C PHE B 157 19.34 37.16 2.07
N LEU B 158 20.37 36.32 1.87
CA LEU B 158 21.53 36.26 2.75
C LEU B 158 22.12 37.64 3.00
N LYS B 159 22.32 38.41 1.92
CA LYS B 159 22.88 39.76 2.04
C LYS B 159 21.96 40.74 2.76
N THR B 160 20.67 40.67 2.46
CA THR B 160 19.62 41.53 3.08
C THR B 160 19.55 41.27 4.58
N LEU B 161 19.64 39.99 4.95
CA LEU B 161 19.67 39.58 6.37
C LEU B 161 20.89 40.18 7.08
N GLN B 162 22.07 40.04 6.47
CA GLN B 162 23.30 40.51 7.09
C GLN B 162 23.32 42.03 7.23
N ALA B 163 22.67 42.69 6.31
CA ALA B 163 22.64 44.14 6.25
C ALA B 163 21.66 44.71 7.25
N GLY B 164 20.81 43.86 7.85
CA GLY B 164 19.73 44.35 8.72
C GLY B 164 18.58 44.97 7.96
N LEU B 165 18.49 44.67 6.65
CA LEU B 165 17.53 45.30 5.76
C LEU B 165 16.30 44.46 5.56
N LEU B 166 16.33 43.26 6.11
CA LEU B 166 15.18 42.37 6.09
C LEU B 166 14.22 42.88 7.16
N GLU B 167 12.93 43.04 6.84
CA GLU B 167 12.02 43.56 7.85
C GLU B 167 11.93 42.55 8.98
N PRO B 168 11.93 43.01 10.24
CA PRO B 168 11.73 42.12 11.38
C PRO B 168 10.47 41.26 11.20
N GLU B 169 10.55 40.06 11.73
CA GLU B 169 9.43 39.14 11.75
C GLU B 169 8.47 39.61 12.85
N VAL B 170 7.23 39.97 12.50
CA VAL B 170 6.29 40.51 13.49
C VAL B 170 4.91 39.96 13.18
N PHE B 171 4.25 39.39 14.19
CA PHE B 171 2.84 39.06 14.10
C PHE B 171 1.96 40.24 14.57
N HIS B 172 1.10 40.71 13.67
CA HIS B 172 0.19 41.81 14.01
C HIS B 172 -1.24 41.31 14.23
N LEU B 173 -1.82 41.66 15.39
CA LEU B 173 -3.24 41.41 15.61
C LEU B 173 -4.07 42.14 14.54
N ASN B 174 -3.67 43.37 14.23
CA ASN B 174 -4.21 44.07 13.06
C ASN B 174 -3.14 44.81 12.24
N PRO B 175 -2.61 44.14 11.20
CA PRO B 175 -1.59 44.65 10.28
C PRO B 175 -2.00 46.01 9.72
N SER B 176 -3.31 46.19 9.58
CA SER B 176 -3.93 47.45 9.20
C SER B 176 -3.40 48.63 10.03
N LYS B 177 -3.30 48.45 11.34
CA LYS B 177 -2.87 49.53 12.24
C LYS B 177 -1.35 49.58 12.48
N SER B 178 -0.72 48.41 12.55
CA SER B 178 0.65 48.31 13.04
C SER B 178 1.67 47.90 11.98
N ASP B 179 1.24 47.30 10.88
CA ASP B 179 2.18 46.97 9.81
C ASP B 179 2.21 48.11 8.81
N THR B 180 2.53 49.30 9.33
CA THR B 180 2.40 50.54 8.59
C THR B 180 3.71 51.30 8.61
N ASP B 181 3.88 52.20 7.65
CA ASP B 181 5.06 53.05 7.61
C ASP B 181 5.10 54.03 8.75
N ALA B 182 3.92 54.47 9.22
CA ALA B 182 3.84 55.41 10.32
C ALA B 182 4.38 54.79 11.59
N PHE B 183 4.05 53.53 11.81
CA PHE B 183 4.61 52.81 12.93
C PHE B 183 6.13 52.62 12.80
N LYS B 184 6.55 52.09 11.65
CA LYS B 184 7.97 51.85 11.42
C LYS B 184 8.88 53.06 11.61
N ARG B 185 8.48 54.23 11.07
CA ARG B 185 9.22 55.48 11.27
C ARG B 185 9.48 55.80 12.73
N LEU B 186 8.52 55.51 13.59
CA LEU B 186 8.66 55.78 15.03
C LEU B 186 9.50 54.72 15.78
N ILE B 187 9.12 53.45 15.61
CA ILE B 187 9.77 52.37 16.35
C ILE B 187 11.31 52.30 16.14
N ARG B 188 11.78 52.66 14.94
CA ARG B 188 13.20 52.59 14.61
C ARG B 188 14.05 53.46 15.56
N PHE B 189 13.41 54.45 16.19
CA PHE B 189 14.07 55.36 17.14
C PHE B 189 14.00 54.90 18.59
N VAL B 190 13.14 53.92 18.86
CA VAL B 190 13.11 53.30 20.18
C VAL B 190 14.29 52.33 20.27
N PRO B 191 15.15 52.47 21.31
CA PRO B 191 16.26 51.51 21.39
C PRO B 191 15.82 50.06 21.59
N PRO B 192 16.66 49.10 21.16
CA PRO B 192 16.34 47.66 21.27
C PRO B 192 15.99 47.17 22.68
N SER B 193 16.44 47.87 23.70
CA SER B 193 16.07 47.49 25.07
C SER B 193 14.59 47.76 25.40
N LEU B 194 13.91 48.57 24.58
CA LEU B 194 12.51 48.96 24.80
C LEU B 194 11.58 48.70 23.61
N SER B 195 12.15 48.30 22.47
CA SER B 195 11.40 48.29 21.22
C SER B 195 10.19 47.33 21.26
N TRP B 196 10.38 46.14 21.85
CA TRP B 196 9.31 45.16 21.88
C TRP B 196 8.04 45.75 22.50
N TYR B 197 8.23 46.59 23.50
CA TYR B 197 7.12 47.24 24.20
C TYR B 197 6.35 48.16 23.31
N GLY B 198 7.06 48.86 22.41
CA GLY B 198 6.41 49.74 21.42
C GLY B 198 5.47 48.95 20.51
N ALA B 199 5.94 47.81 20.03
CA ALA B 199 5.15 46.91 19.22
C ALA B 199 3.97 46.34 20.03
N TYR B 200 4.26 45.83 21.21
CA TYR B 200 3.24 45.23 22.06
C TYR B 200 2.09 46.20 22.31
N LEU B 201 2.41 47.48 22.51
CA LEU B 201 1.42 48.54 22.75
C LEU B 201 0.52 48.83 21.55
N VAL B 202 0.95 48.43 20.35
CA VAL B 202 0.11 48.48 19.17
C VAL B 202 -0.40 47.07 18.74
N ASN B 203 -0.39 46.13 19.68
CA ASN B 203 -0.89 44.77 19.46
C ASN B 203 -0.10 44.04 18.38
N ALA B 204 1.20 44.28 18.35
CA ALA B 204 2.10 43.60 17.42
C ALA B 204 3.12 42.82 18.24
N TYR B 205 3.47 41.63 17.75
CA TYR B 205 4.29 40.71 18.49
C TYR B 205 5.49 40.32 17.65
N PRO B 206 6.63 41.02 17.87
CA PRO B 206 7.87 40.62 17.22
C PRO B 206 8.24 39.16 17.53
N LEU B 207 8.85 38.50 16.56
CA LEU B 207 9.25 37.10 16.73
C LEU B 207 10.76 36.96 16.87
N ASP B 208 11.18 35.91 17.56
CA ASP B 208 12.59 35.52 17.59
C ASP B 208 13.17 35.30 16.16
N MET B 209 14.39 35.74 15.93
CA MET B 209 15.07 35.56 14.65
C MET B 209 16.46 34.99 14.86
N SER B 210 16.72 34.43 16.04
CA SER B 210 18.01 33.82 16.36
C SER B 210 18.41 32.69 15.41
N GLN B 211 17.42 32.07 14.76
CA GLN B 211 17.69 30.87 13.93
C GLN B 211 18.29 31.23 12.59
N TYR B 212 18.03 32.44 12.13
CA TYR B 212 18.50 32.90 10.83
C TYR B 212 20.04 32.86 10.72
N PHE B 213 20.76 32.86 11.85
CA PHE B 213 22.24 32.77 11.83
C PHE B 213 22.76 31.38 11.38
N ARG B 214 21.83 30.45 11.17
CA ARG B 214 22.15 29.08 10.75
C ARG B 214 21.45 28.68 9.44
N LEU B 215 20.76 29.63 8.82
CA LEU B 215 20.18 29.48 7.47
C LEU B 215 21.29 29.22 6.44
N PHE B 216 22.38 29.96 6.56
CA PHE B 216 23.43 29.98 5.52
C PHE B 216 24.78 29.58 6.06
N ASN B 217 25.62 29.03 5.18
CA ASN B 217 26.99 28.65 5.54
C ASN B 217 27.07 27.63 6.68
N SER B 218 26.08 26.76 6.73
CA SER B 218 25.86 25.96 7.92
C SER B 218 25.46 24.53 7.61
N THR B 219 25.83 23.63 8.52
CA THR B 219 25.61 22.19 8.36
C THR B 219 25.61 21.51 9.74
N ARG B 220 25.18 20.27 9.75
CA ARG B 220 25.23 19.45 10.96
C ARG B 220 26.32 18.43 10.78
N ILE B 221 27.23 18.36 11.74
CA ILE B 221 28.36 17.43 11.70
C ILE B 221 28.10 16.20 12.62
N PRO B 222 28.14 14.97 12.04
CA PRO B 222 27.96 13.80 12.89
C PRO B 222 29.11 13.63 13.88
N ARG B 223 28.77 13.41 15.14
CA ARG B 223 29.75 13.14 16.20
C ARG B 223 29.18 12.11 17.14
N PRO B 224 30.05 11.44 17.89
CA PRO B 224 29.54 10.57 18.95
C PRO B 224 28.80 11.42 19.97
N ASN B 225 27.77 10.82 20.56
CA ASN B 225 26.99 11.38 21.67
C ASN B 225 26.06 12.55 21.29
N ARG B 226 26.60 13.53 20.59
CA ARG B 226 25.83 14.73 20.21
C ARG B 226 26.43 15.34 18.95
N ASP B 227 25.63 15.46 17.92
CA ASP B 227 26.04 16.12 16.68
C ASP B 227 26.36 17.61 16.89
N GLU B 228 27.12 18.19 15.98
CA GLU B 228 27.55 19.57 16.15
C GLU B 228 26.96 20.46 15.04
N LEU B 229 26.56 21.68 15.40
CA LEU B 229 26.11 22.63 14.41
C LEU B 229 27.28 23.53 14.05
N PHE B 230 27.63 23.55 12.76
CA PHE B 230 28.82 24.20 12.28
C PHE B 230 28.41 25.34 11.36
N THR B 231 29.00 26.51 11.57
CA THR B 231 28.82 27.64 10.66
C THR B 231 30.17 28.27 10.32
N ASP B 232 30.33 28.63 9.06
CA ASP B 232 31.51 29.39 8.62
C ASP B 232 31.04 30.62 7.85
N THR B 233 30.92 31.76 8.55
CA THR B 233 30.34 32.98 7.95
C THR B 233 31.21 33.62 6.85
N LYS B 234 32.45 33.14 6.73
CA LYS B 234 33.44 33.66 5.77
C LYS B 234 33.30 33.07 4.39
N ALA B 235 32.57 31.96 4.28
CA ALA B 235 32.47 31.27 3.01
C ALA B 235 31.61 32.01 1.98
N ARG B 236 32.02 31.97 0.73
CA ARG B 236 31.38 32.71 -0.35
C ARG B 236 30.87 31.80 -1.48
N HIS B 237 31.01 30.50 -1.32
CA HIS B 237 30.71 29.61 -2.43
C HIS B 237 29.39 28.85 -2.25
N LEU B 238 28.80 28.49 -3.39
CA LEU B 238 27.65 27.58 -3.44
C LEU B 238 28.18 26.15 -3.59
N LEU B 239 27.50 25.18 -2.96
CA LEU B 239 27.67 23.77 -3.28
C LEU B 239 26.54 23.30 -4.19
N VAL B 240 26.89 22.63 -5.30
CA VAL B 240 25.88 22.12 -6.23
C VAL B 240 26.01 20.60 -6.34
N LEU B 241 24.91 19.88 -6.17
CA LEU B 241 24.86 18.42 -6.47
C LEU B 241 24.14 18.14 -7.79
N ARG B 242 24.79 17.35 -8.64
CA ARG B 242 24.24 17.02 -9.93
C ARG B 242 24.69 15.61 -10.24
N LYS B 243 23.73 14.71 -10.39
CA LYS B 243 23.98 13.28 -10.60
C LYS B 243 24.92 12.69 -9.54
N GLY B 244 24.83 13.20 -8.30
CA GLY B 244 25.68 12.73 -7.22
C GLY B 244 27.10 13.29 -7.18
N HIS B 245 27.47 14.11 -8.18
CA HIS B 245 28.75 14.82 -8.18
C HIS B 245 28.62 16.15 -7.45
N PHE B 246 29.73 16.58 -6.85
CA PHE B 246 29.80 17.77 -6.02
C PHE B 246 30.59 18.86 -6.73
N TYR B 247 29.98 20.03 -6.87
CA TYR B 247 30.63 21.17 -7.52
C TYR B 247 30.59 22.37 -6.62
N VAL B 248 31.65 23.17 -6.58
CA VAL B 248 31.60 24.45 -5.85
C VAL B 248 32.04 25.62 -6.71
N PHE B 249 31.40 26.76 -6.51
CA PHE B 249 31.82 28.01 -7.17
C PHE B 249 31.34 29.22 -6.37
N ASP B 250 32.02 30.36 -6.55
CA ASP B 250 31.71 31.52 -5.74
C ASP B 250 30.44 32.20 -6.21
N VAL B 251 29.56 32.49 -5.25
CA VAL B 251 28.36 33.31 -5.49
C VAL B 251 28.45 34.73 -4.87
N LEU B 252 29.45 34.90 -4.02
CA LEU B 252 29.85 36.21 -3.52
C LEU B 252 31.31 36.47 -3.93
N ASP B 253 31.59 37.69 -4.39
CA ASP B 253 32.98 38.02 -4.75
C ASP B 253 33.82 38.32 -3.52
N GLN B 254 35.09 38.68 -3.71
CA GLN B 254 35.99 38.90 -2.58
C GLN B 254 35.61 40.11 -1.72
N ASP B 255 34.81 41.02 -2.28
CA ASP B 255 34.29 42.16 -1.51
C ASP B 255 32.98 41.89 -0.76
N GLY B 256 32.36 40.74 -1.00
CA GLY B 256 31.07 40.42 -0.37
C GLY B 256 29.90 40.77 -1.27
N ASN B 257 30.19 41.16 -2.51
CA ASN B 257 29.16 41.47 -3.48
C ASN B 257 28.71 40.25 -4.28
N ILE B 258 27.46 40.27 -4.76
CA ILE B 258 26.89 39.12 -5.47
C ILE B 258 27.63 38.97 -6.82
N VAL B 259 28.01 37.75 -7.15
CA VAL B 259 28.65 37.45 -8.43
C VAL B 259 27.63 37.73 -9.54
N ASN B 260 28.10 38.37 -10.62
CA ASN B 260 27.33 38.57 -11.84
C ASN B 260 26.40 37.39 -12.11
N PRO B 261 25.07 37.62 -12.14
CA PRO B 261 24.13 36.51 -12.35
C PRO B 261 24.30 35.73 -13.68
N LEU B 262 24.79 36.42 -14.72
CA LEU B 262 25.08 35.76 -15.99
C LEU B 262 26.31 34.84 -15.89
N GLU B 263 27.21 35.11 -14.94
CA GLU B 263 28.29 34.16 -14.62
C GLU B 263 27.71 32.99 -13.83
N ILE B 264 26.85 33.30 -12.86
CA ILE B 264 26.19 32.21 -12.14
C ILE B 264 25.44 31.30 -13.13
N GLN B 265 24.70 31.90 -14.06
CA GLN B 265 23.98 31.14 -15.11
C GLN B 265 24.99 30.26 -15.89
N ALA B 266 26.14 30.83 -16.29
CA ALA B 266 27.15 30.06 -17.05
C ALA B 266 27.60 28.83 -16.26
N HIS B 267 27.92 29.04 -15.00
CA HIS B 267 28.39 27.95 -14.16
C HIS B 267 27.35 26.86 -13.99
N LEU B 268 26.09 27.26 -13.80
CA LEU B 268 25.02 26.26 -13.69
C LEU B 268 24.73 25.52 -15.01
N LYS B 269 24.84 26.25 -16.12
CA LYS B 269 24.71 25.64 -17.44
C LYS B 269 25.79 24.58 -17.66
N TYR B 270 27.01 24.89 -17.21
CA TYR B 270 28.14 23.98 -17.36
C TYR B 270 27.86 22.71 -16.55
N ILE B 271 27.32 22.87 -15.34
CA ILE B 271 27.01 21.75 -14.46
C ILE B 271 25.90 20.92 -15.05
N LEU B 272 24.81 21.58 -15.45
CA LEU B 272 23.66 20.87 -16.05
C LEU B 272 24.03 20.07 -17.30
N SER B 273 24.97 20.58 -18.08
CA SER B 273 25.35 19.94 -19.36
C SER B 273 26.46 18.91 -19.22
N ASP B 274 27.10 18.86 -18.05
CA ASP B 274 28.22 17.95 -17.83
C ASP B 274 27.83 16.50 -18.18
N SER B 275 28.73 15.80 -18.89
CA SER B 275 28.45 14.48 -19.41
C SER B 275 28.88 13.31 -18.49
N SER B 276 29.48 13.62 -17.34
CA SER B 276 29.90 12.56 -16.38
C SER B 276 28.72 11.69 -15.98
N PRO B 277 28.92 10.37 -15.97
CA PRO B 277 27.87 9.50 -15.43
C PRO B 277 27.87 9.60 -13.89
N VAL B 278 26.80 9.14 -13.26
CA VAL B 278 26.76 9.00 -11.79
C VAL B 278 28.01 8.29 -11.24
N PRO B 279 28.54 8.76 -10.10
CA PRO B 279 29.67 8.11 -9.47
C PRO B 279 29.32 6.67 -9.06
N GLU B 280 30.30 5.78 -9.06
CA GLU B 280 30.03 4.41 -8.61
C GLU B 280 29.60 4.40 -7.15
N PHE B 281 30.19 5.30 -6.36
CA PHE B 281 29.94 5.40 -4.93
C PHE B 281 29.52 6.82 -4.52
N PRO B 282 28.25 7.18 -4.75
CA PRO B 282 27.81 8.56 -4.51
C PRO B 282 27.90 8.87 -3.02
N VAL B 283 28.75 9.84 -2.67
CA VAL B 283 29.13 10.09 -1.27
C VAL B 283 27.93 10.62 -0.45
N ALA B 284 27.03 11.35 -1.09
CA ALA B 284 25.84 11.86 -0.36
C ALA B 284 25.02 10.81 0.41
N TYR B 285 25.07 9.56 -0.03
CA TYR B 285 24.35 8.48 0.69
C TYR B 285 24.69 8.46 2.17
N LEU B 286 25.94 8.81 2.48
CA LEU B 286 26.42 8.79 3.85
C LEU B 286 25.57 9.64 4.79
N THR B 287 25.08 10.77 4.29
CA THR B 287 24.37 11.75 5.15
C THR B 287 23.00 11.24 5.59
N SER B 288 22.59 10.09 5.04
CA SER B 288 21.32 9.48 5.41
C SER B 288 21.51 8.36 6.44
N GLU B 289 22.75 8.13 6.87
CA GLU B 289 23.03 7.02 7.80
C GLU B 289 22.64 7.31 9.24
N ASN B 290 22.54 6.25 10.04
CA ASN B 290 22.61 6.33 11.50
C ASN B 290 23.76 7.27 11.90
N ARG B 291 23.53 8.10 12.91
CA ARG B 291 24.49 9.17 13.22
C ARG B 291 25.80 8.66 13.79
N ASP B 292 25.78 7.52 14.46
CA ASP B 292 27.02 6.89 14.92
C ASP B 292 27.84 6.32 13.77
N VAL B 293 27.14 5.70 12.83
CA VAL B 293 27.77 5.09 11.66
C VAL B 293 28.38 6.18 10.79
N TRP B 294 27.63 7.26 10.57
CA TRP B 294 28.15 8.40 9.78
C TRP B 294 29.27 9.13 10.54
N ALA B 295 29.13 9.28 11.85
CA ALA B 295 30.21 9.85 12.67
C ALA B 295 31.56 9.15 12.43
N GLU B 296 31.55 7.82 12.51
CA GLU B 296 32.77 7.05 12.31
C GLU B 296 33.29 7.17 10.87
N LEU B 297 32.38 7.13 9.92
CA LEU B 297 32.78 7.13 8.50
C LEU B 297 33.32 8.50 8.04
N ARG B 298 32.75 9.57 8.58
CA ARG B 298 33.31 10.90 8.39
C ARG B 298 34.72 10.98 8.96
N GLN B 299 34.94 10.43 10.15
CA GLN B 299 36.29 10.46 10.70
C GLN B 299 37.28 9.65 9.83
N LYS B 300 36.81 8.55 9.22
CA LYS B 300 37.68 7.81 8.27
C LYS B 300 37.98 8.65 7.01
N LEU B 301 36.99 9.38 6.53
CA LEU B 301 37.17 10.25 5.37
C LEU B 301 38.24 11.28 5.66
N ILE B 302 38.25 11.79 6.88
CA ILE B 302 39.28 12.75 7.31
C ILE B 302 40.66 12.07 7.39
N PHE B 303 40.71 10.87 7.96
CA PHE B 303 41.94 10.07 8.00
C PHE B 303 42.49 9.86 6.58
N ASP B 304 41.60 9.59 5.62
CA ASP B 304 42.01 9.40 4.22
C ASP B 304 42.20 10.72 3.48
N GLY B 305 42.39 11.79 4.25
CA GLY B 305 42.81 13.10 3.71
C GLY B 305 41.76 13.91 2.99
N ASN B 306 40.52 13.76 3.40
CA ASN B 306 39.40 14.45 2.78
C ASN B 306 38.90 15.71 3.49
N GLU B 307 39.62 16.19 4.50
CA GLU B 307 39.14 17.30 5.34
C GLU B 307 38.81 18.57 4.54
N GLU B 308 39.69 18.95 3.62
CA GLU B 308 39.53 20.18 2.87
C GLU B 308 38.26 20.14 2.04
N THR B 309 38.09 19.04 1.30
CA THR B 309 36.86 18.76 0.57
C THR B 309 35.62 18.82 1.45
N LEU B 310 35.65 18.13 2.59
CA LEU B 310 34.52 18.15 3.51
C LEU B 310 34.24 19.57 4.01
N LYS B 311 35.29 20.29 4.38
CA LYS B 311 35.14 21.70 4.79
C LYS B 311 34.42 22.54 3.71
N LYS B 312 34.73 22.29 2.44
CA LYS B 312 34.05 23.01 1.37
C LYS B 312 32.55 22.68 1.29
N VAL B 313 32.23 21.42 1.50
CA VAL B 313 30.86 20.95 1.53
C VAL B 313 30.14 21.59 2.74
N ASP B 314 30.79 21.54 3.90
CA ASP B 314 30.21 21.99 5.17
C ASP B 314 29.85 23.49 5.15
N SER B 315 30.73 24.30 4.57
CA SER B 315 30.73 25.77 4.69
C SER B 315 29.93 26.51 3.61
N ALA B 316 29.51 25.80 2.56
CA ALA B 316 28.84 26.42 1.40
C ALA B 316 27.59 27.17 1.83
N VAL B 317 27.25 28.25 1.13
CA VAL B 317 26.08 29.07 1.56
C VAL B 317 24.84 28.21 1.74
N PHE B 318 24.62 27.27 0.83
CA PHE B 318 23.62 26.20 1.00
C PHE B 318 23.93 25.18 -0.07
N CYS B 319 23.08 24.15 -0.21
CA CYS B 319 23.32 23.11 -1.23
C CYS B 319 22.21 23.19 -2.25
N LEU B 320 22.59 23.40 -3.52
CA LEU B 320 21.63 23.40 -4.64
C LEU B 320 21.64 22.04 -5.35
N CYS B 321 20.47 21.42 -5.46
CA CYS B 321 20.39 20.05 -5.97
C CYS B 321 19.68 20.13 -7.31
N LEU B 322 20.41 19.82 -8.38
CA LEU B 322 19.84 19.84 -9.72
C LEU B 322 19.44 18.44 -10.17
N ASP B 323 18.16 18.15 -10.08
CA ASP B 323 17.66 16.83 -10.41
C ASP B 323 17.49 16.70 -11.92
N ASP B 324 17.61 15.47 -12.40
CA ASP B 324 17.74 15.22 -13.84
C ASP B 324 16.51 14.52 -14.40
N PHE B 325 15.32 14.94 -13.95
CA PHE B 325 14.05 14.38 -14.38
C PHE B 325 12.93 15.35 -13.97
N PRO B 326 11.76 15.31 -14.66
CA PRO B 326 10.64 16.15 -14.24
C PRO B 326 9.80 15.42 -13.20
N MET B 327 8.78 16.09 -12.68
CA MET B 327 7.90 15.47 -11.69
C MET B 327 6.74 14.78 -12.39
N LYS B 328 6.53 13.49 -12.09
CA LYS B 328 5.45 12.74 -12.77
C LYS B 328 4.08 13.11 -12.22
N ASP B 329 4.01 13.33 -10.92
CA ASP B 329 2.76 13.69 -10.23
C ASP B 329 3.10 14.19 -8.84
N LEU B 330 2.07 14.51 -8.05
CA LEU B 330 2.32 14.99 -6.69
C LEU B 330 2.99 13.98 -5.77
N ILE B 331 2.66 12.69 -5.93
CA ILE B 331 3.32 11.61 -5.15
C ILE B 331 4.82 11.58 -5.42
N HIS B 332 5.18 11.59 -6.70
CA HIS B 332 6.58 11.62 -7.13
C HIS B 332 7.28 12.85 -6.59
N LEU B 333 6.63 14.01 -6.70
CA LEU B 333 7.18 15.24 -6.15
C LEU B 333 7.48 15.11 -4.65
N SER B 334 6.52 14.59 -3.89
CA SER B 334 6.71 14.43 -2.45
C SER B 334 7.89 13.54 -2.10
N HIS B 335 7.97 12.37 -2.74
CA HIS B 335 9.11 11.47 -2.54
C HIS B 335 10.45 12.16 -2.89
N THR B 336 10.43 12.89 -3.98
CA THR B 336 11.63 13.50 -4.50
C THR B 336 12.16 14.51 -3.52
N MET B 337 11.24 15.32 -2.99
CA MET B 337 11.61 16.43 -2.10
C MET B 337 11.85 15.98 -0.66
N LEU B 338 11.16 14.94 -0.25
CA LEU B 338 11.35 14.40 1.08
C LEU B 338 12.66 13.62 1.23
N HIS B 339 13.03 12.85 0.21
CA HIS B 339 14.20 11.98 0.31
C HIS B 339 15.00 11.78 -0.99
N GLY B 340 14.32 11.79 -2.15
CA GLY B 340 14.96 11.49 -3.46
C GLY B 340 15.55 10.08 -3.50
N ASP B 341 16.49 9.84 -4.43
CA ASP B 341 17.08 8.49 -4.60
C ASP B 341 18.31 8.26 -3.75
N GLY B 342 18.66 9.27 -2.96
CA GLY B 342 19.74 9.13 -2.00
C GLY B 342 21.09 9.64 -2.41
N THR B 343 21.23 9.99 -3.70
CA THR B 343 22.52 10.41 -4.27
C THR B 343 22.69 11.93 -4.37
N ASN B 344 21.59 12.68 -4.40
CA ASN B 344 21.64 14.08 -4.82
C ASN B 344 21.14 15.10 -3.80
N ARG B 345 21.28 14.75 -2.51
CA ARG B 345 20.98 15.67 -1.41
C ARG B 345 22.06 15.54 -0.38
N TRP B 346 22.54 16.68 0.11
CA TRP B 346 23.47 16.64 1.22
C TRP B 346 22.63 16.89 2.48
N PHE B 347 22.16 15.81 3.10
CA PHE B 347 21.05 15.93 4.05
C PHE B 347 21.41 16.71 5.29
N ASP B 348 22.69 16.68 5.65
CA ASP B 348 23.25 17.42 6.81
C ASP B 348 23.18 18.95 6.70
N LYS B 349 23.18 19.45 5.47
CA LYS B 349 23.24 20.90 5.22
C LYS B 349 22.02 21.61 5.83
N SER B 350 22.18 22.87 6.24
CA SER B 350 21.03 23.61 6.79
C SER B 350 19.80 23.46 5.89
N PHE B 351 19.96 23.69 4.59
CA PHE B 351 18.90 23.34 3.65
C PHE B 351 19.46 22.97 2.28
N ASN B 352 18.70 22.12 1.58
CA ASN B 352 18.91 21.81 0.18
C ASN B 352 17.83 22.51 -0.63
N LEU B 353 18.25 23.34 -1.58
CA LEU B 353 17.34 23.93 -2.53
C LEU B 353 17.33 23.03 -3.77
N ILE B 354 16.18 22.43 -4.05
CA ILE B 354 16.10 21.40 -5.09
C ILE B 354 15.32 22.01 -6.25
N VAL B 355 15.87 21.92 -7.47
CA VAL B 355 15.16 22.31 -8.71
C VAL B 355 15.20 21.14 -9.73
N ALA B 356 14.03 20.66 -10.13
CA ALA B 356 13.91 19.50 -11.01
C ALA B 356 13.96 19.95 -12.47
N GLU B 357 13.83 19.01 -13.40
CA GLU B 357 14.02 19.36 -14.82
C GLU B 357 12.88 20.20 -15.41
N ASP B 358 11.71 20.15 -14.78
CA ASP B 358 10.57 20.97 -15.16
C ASP B 358 10.50 22.25 -14.33
N GLY B 359 11.56 22.53 -13.59
CA GLY B 359 11.65 23.77 -12.78
C GLY B 359 10.95 23.66 -11.44
N THR B 360 10.34 22.51 -11.17
CA THR B 360 9.74 22.27 -9.86
C THR B 360 10.84 22.43 -8.78
N ALA B 361 10.56 23.28 -7.79
CA ALA B 361 11.55 23.55 -6.75
C ALA B 361 10.98 23.41 -5.34
N ALA B 362 11.88 23.14 -4.39
CA ALA B 362 11.51 22.95 -3.00
C ALA B 362 12.71 23.22 -2.10
N VAL B 363 12.41 23.48 -0.82
CA VAL B 363 13.43 23.58 0.20
C VAL B 363 13.23 22.39 1.12
N HIS B 364 14.27 21.56 1.18
CA HIS B 364 14.30 20.43 2.10
C HIS B 364 15.26 20.88 3.18
N PHE B 365 14.90 20.72 4.45
CA PHE B 365 15.81 21.26 5.48
C PHE B 365 16.09 20.32 6.62
N GLU B 366 17.31 20.46 7.15
CA GLU B 366 17.75 19.74 8.35
C GLU B 366 17.12 20.43 9.59
N HIS B 367 16.42 19.65 10.44
CA HIS B 367 15.55 20.25 11.46
C HIS B 367 16.22 20.79 12.73
N SER B 368 17.43 20.34 13.02
CA SER B 368 18.05 20.66 14.33
C SER B 368 18.19 22.17 14.59
N TRP B 369 18.45 22.94 13.52
CA TRP B 369 18.76 24.36 13.68
C TRP B 369 17.55 25.29 13.55
N GLY B 370 16.48 24.82 12.93
CA GLY B 370 15.43 25.72 12.50
C GLY B 370 14.00 25.21 12.65
N ASP B 371 13.06 26.10 12.36
CA ASP B 371 11.63 25.79 12.40
C ASP B 371 10.87 26.32 11.21
N GLY B 372 9.66 25.79 10.99
CA GLY B 372 8.84 26.18 9.86
C GLY B 372 8.68 27.68 9.63
N VAL B 373 8.48 28.42 10.72
CA VAL B 373 8.27 29.88 10.59
C VAL B 373 9.49 30.61 9.96
N ALA B 374 10.69 30.22 10.36
CA ALA B 374 11.89 30.84 9.81
C ALA B 374 12.17 30.39 8.36
N VAL B 375 12.08 29.09 8.11
CA VAL B 375 12.23 28.58 6.74
C VAL B 375 11.17 29.18 5.81
N LEU B 376 9.96 29.39 6.35
CA LEU B 376 8.88 29.97 5.56
C LEU B 376 9.16 31.39 5.16
N ARG B 377 9.74 32.19 6.07
CA ARG B 377 10.07 33.58 5.71
C ARG B 377 11.06 33.63 4.54
N PHE B 378 12.10 32.82 4.65
CA PHE B 378 13.11 32.66 3.59
C PHE B 378 12.44 32.26 2.28
N PHE B 379 11.61 31.22 2.36
CA PHE B 379 10.85 30.67 1.26
C PHE B 379 9.98 31.76 0.61
N ASN B 380 9.22 32.51 1.41
CA ASN B 380 8.33 33.53 0.88
C ASN B 380 9.10 34.67 0.19
N GLU B 381 10.16 35.13 0.83
CA GLU B 381 10.97 36.20 0.24
C GLU B 381 11.63 35.73 -1.09
N VAL B 382 12.20 34.54 -1.09
CA VAL B 382 12.80 33.97 -2.29
C VAL B 382 11.77 33.77 -3.41
N PHE B 383 10.59 33.27 -3.07
CA PHE B 383 9.55 33.11 -4.09
C PHE B 383 9.15 34.46 -4.69
N ARG B 384 8.92 35.46 -3.84
CA ARG B 384 8.49 36.79 -4.32
C ARG B 384 9.57 37.44 -5.17
N ASP B 385 10.80 37.41 -4.68
CA ASP B 385 11.93 38.07 -5.38
C ASP B 385 12.24 37.41 -6.73
N SER B 386 12.22 36.08 -6.75
CA SER B 386 12.62 35.34 -7.94
C SER B 386 11.57 35.40 -9.03
N THR B 387 10.31 35.61 -8.64
CA THR B 387 9.23 35.69 -9.62
C THR B 387 8.87 37.11 -10.02
N GLN B 388 8.98 38.05 -9.08
CA GLN B 388 8.70 39.47 -9.37
C GLN B 388 9.87 40.24 -9.95
N THR B 389 11.09 40.00 -9.46
CA THR B 389 12.29 40.65 -10.00
C THR B 389 13.38 39.61 -10.34
N PRO B 390 13.10 38.71 -11.29
CA PRO B 390 14.08 37.66 -11.62
C PRO B 390 15.41 38.24 -12.10
N ALA B 391 16.52 37.65 -11.64
CA ALA B 391 17.86 38.09 -12.04
C ALA B 391 18.12 37.95 -13.54
N ILE B 392 17.66 36.84 -14.13
CA ILE B 392 17.88 36.59 -15.53
C ILE B 392 16.56 36.19 -16.22
N THR B 393 16.57 36.14 -17.55
CA THR B 393 15.38 35.74 -18.30
C THR B 393 15.66 34.40 -18.98
N PRO B 394 14.60 33.74 -19.49
CA PRO B 394 14.85 32.48 -20.19
C PRO B 394 15.62 32.67 -21.49
N GLN B 395 15.82 33.92 -21.91
CA GLN B 395 16.64 34.20 -23.10
C GLN B 395 18.01 34.80 -22.80
N SER B 396 18.32 35.01 -21.52
CA SER B 396 19.58 35.63 -21.10
C SER B 396 20.79 34.84 -21.63
N GLN B 397 21.82 35.57 -22.04
CA GLN B 397 23.03 34.96 -22.58
C GLN B 397 24.08 34.78 -21.49
N PRO B 398 24.49 33.52 -21.21
CA PRO B 398 25.45 33.34 -20.12
C PRO B 398 26.72 34.11 -20.42
N ALA B 399 27.36 34.62 -19.37
CA ALA B 399 28.61 35.36 -19.51
C ALA B 399 29.73 34.47 -20.00
N ALA B 400 30.68 35.08 -20.71
CA ALA B 400 31.90 34.38 -21.09
C ALA B 400 32.71 34.07 -19.82
N THR B 401 32.80 32.79 -19.47
CA THR B 401 33.51 32.34 -18.27
C THR B 401 34.50 31.23 -18.62
N ASN B 402 35.47 31.00 -17.72
CA ASN B 402 36.24 29.77 -17.73
C ASN B 402 35.82 28.90 -16.55
N SER B 403 34.91 27.96 -16.80
CA SER B 403 34.29 27.16 -15.72
C SER B 403 35.24 26.22 -15.01
N SER B 404 36.40 25.93 -15.62
CA SER B 404 37.41 25.08 -15.00
C SER B 404 38.23 25.93 -14.04
N ALA B 405 38.36 27.20 -14.36
CA ALA B 405 38.99 28.16 -13.48
C ALA B 405 37.99 28.66 -12.43
N SER B 406 36.70 28.42 -12.67
CA SER B 406 35.66 28.98 -11.79
C SER B 406 34.87 27.97 -10.97
N VAL B 407 34.75 26.74 -11.46
CA VAL B 407 33.92 25.71 -10.81
C VAL B 407 34.83 24.55 -10.46
N GLU B 408 34.88 24.18 -9.18
CA GLU B 408 35.69 23.03 -8.79
C GLU B 408 34.75 21.84 -8.67
N THR B 409 35.13 20.73 -9.29
CA THR B 409 34.46 19.45 -9.06
C THR B 409 35.21 18.85 -7.89
N LEU B 410 34.49 18.53 -6.82
CA LEU B 410 35.12 18.03 -5.62
C LEU B 410 35.41 16.56 -5.83
N SER B 411 36.51 16.09 -5.27
CA SER B 411 36.86 14.66 -5.36
C SER B 411 37.06 14.10 -3.96
N PHE B 412 36.52 12.92 -3.68
CA PHE B 412 36.84 12.29 -2.40
C PHE B 412 37.79 11.11 -2.63
N ASN B 413 38.78 10.97 -1.75
CA ASN B 413 39.58 9.75 -1.66
C ASN B 413 38.83 8.72 -0.83
N LEU B 414 38.33 7.68 -1.49
CA LEU B 414 37.55 6.63 -0.81
C LEU B 414 38.33 5.32 -0.65
N SER B 415 38.58 4.92 0.59
CA SER B 415 39.13 3.61 0.93
C SER B 415 38.11 2.51 0.66
N GLY B 416 38.57 1.26 0.77
CA GLY B 416 37.66 0.12 0.65
C GLY B 416 36.57 0.20 1.70
N ALA B 417 36.94 0.64 2.89
CA ALA B 417 36.00 0.76 4.02
C ALA B 417 34.93 1.80 3.70
N LEU B 418 35.34 2.89 3.07
CA LEU B 418 34.35 3.89 2.69
C LEU B 418 33.44 3.40 1.59
N LYS B 419 33.98 2.69 0.61
CA LYS B 419 33.13 2.15 -0.45
C LYS B 419 32.05 1.20 0.10
N ALA B 420 32.47 0.33 1.02
CA ALA B 420 31.60 -0.59 1.73
C ALA B 420 30.53 0.17 2.51
N GLY B 421 30.96 1.27 3.14
CA GLY B 421 30.07 2.17 3.90
C GLY B 421 29.00 2.82 3.03
N ILE B 422 29.41 3.36 1.88
CA ILE B 422 28.47 3.89 0.91
C ILE B 422 27.46 2.82 0.43
N THR B 423 27.95 1.63 0.07
CA THR B 423 27.07 0.55 -0.39
C THR B 423 26.03 0.18 0.69
N ALA B 424 26.48 0.03 1.93
CA ALA B 424 25.62 -0.23 3.08
C ALA B 424 24.63 0.91 3.37
N ALA B 425 25.10 2.15 3.26
CA ALA B 425 24.21 3.30 3.37
C ALA B 425 23.11 3.25 2.31
N LYS B 426 23.50 2.96 1.08
CA LYS B 426 22.56 2.86 -0.03
C LYS B 426 21.48 1.79 0.20
N GLU B 427 21.89 0.61 0.68
CA GLU B 427 20.98 -0.48 0.90
C GLU B 427 19.97 -0.09 1.99
N LYS B 428 20.47 0.55 3.04
CA LYS B 428 19.66 1.00 4.19
C LYS B 428 18.64 2.00 3.68
N PHE B 429 19.09 2.94 2.87
CA PHE B 429 18.24 4.01 2.33
C PHE B 429 17.12 3.45 1.45
N ASP B 430 17.49 2.60 0.47
CA ASP B 430 16.52 2.03 -0.46
C ASP B 430 15.49 1.20 0.27
N THR B 431 15.93 0.47 1.28
CA THR B 431 15.03 -0.40 2.04
C THR B 431 14.00 0.40 2.81
N THR B 432 14.46 1.45 3.48
CA THR B 432 13.59 2.32 4.26
C THR B 432 12.62 3.05 3.35
N VAL B 433 13.12 3.65 2.28
CA VAL B 433 12.28 4.39 1.33
C VAL B 433 11.18 3.51 0.72
N LYS B 434 11.48 2.24 0.46
CA LYS B 434 10.49 1.29 -0.03
C LYS B 434 9.24 1.16 0.89
N THR B 435 9.42 1.42 2.19
CA THR B 435 8.29 1.30 3.16
C THR B 435 7.45 2.55 3.27
N LEU B 436 7.88 3.62 2.62
CA LEU B 436 7.19 4.91 2.73
C LEU B 436 6.15 5.12 1.65
N SER B 437 4.95 5.53 2.04
CA SER B 437 3.90 5.90 1.12
C SER B 437 3.54 7.33 1.40
N ILE B 438 3.19 8.07 0.35
CA ILE B 438 2.71 9.42 0.47
C ILE B 438 1.61 9.60 -0.56
N ASP B 439 0.53 10.25 -0.17
CA ASP B 439 -0.44 10.73 -1.15
C ASP B 439 -1.22 11.85 -0.50
N SER B 440 -2.01 12.54 -1.32
CA SER B 440 -2.69 13.77 -0.92
C SER B 440 -4.16 13.81 -1.32
N ILE B 441 -4.94 14.67 -0.66
CA ILE B 441 -6.28 14.99 -1.15
C ILE B 441 -6.44 16.50 -1.21
N GLN B 442 -7.32 16.95 -2.10
CA GLN B 442 -7.69 18.35 -2.19
C GLN B 442 -9.20 18.32 -2.09
N PHE B 443 -9.72 18.68 -0.92
CA PHE B 443 -11.14 18.67 -0.66
C PHE B 443 -11.73 19.96 -1.19
N GLN B 444 -12.65 19.89 -2.13
CA GLN B 444 -13.05 21.07 -2.90
C GLN B 444 -14.34 21.79 -2.46
N ARG B 445 -15.11 21.22 -1.53
CA ARG B 445 -16.38 21.87 -1.16
C ARG B 445 -16.25 23.24 -0.50
N GLY B 446 -15.18 23.46 0.26
CA GLY B 446 -14.98 24.73 0.93
C GLY B 446 -13.77 24.70 1.81
N GLY B 447 -13.53 25.83 2.48
CA GLY B 447 -12.35 25.99 3.32
C GLY B 447 -12.56 27.04 4.38
N LYS B 448 -11.57 27.91 4.56
CA LYS B 448 -11.62 28.95 5.58
C LYS B 448 -12.91 29.78 5.54
N GLU B 449 -13.31 30.20 4.34
CA GLU B 449 -14.41 31.15 4.18
C GLU B 449 -15.74 30.62 4.72
N PHE B 450 -16.13 29.43 4.26
CA PHE B 450 -17.33 28.81 4.76
C PHE B 450 -17.28 28.54 6.26
N LEU B 451 -16.12 28.09 6.74
CA LEU B 451 -15.98 27.67 8.13
C LEU B 451 -16.00 28.85 9.09
N LYS B 452 -15.39 29.95 8.67
CA LYS B 452 -15.42 31.18 9.44
C LYS B 452 -16.83 31.75 9.50
N LYS B 453 -17.57 31.57 8.41
CA LYS B 453 -18.99 31.99 8.35
C LYS B 453 -19.85 31.21 9.34
N LYS B 454 -19.49 29.94 9.56
CA LYS B 454 -20.10 29.06 10.55
C LYS B 454 -19.51 29.26 11.97
N GLN B 455 -18.68 30.28 12.13
CA GLN B 455 -18.08 30.66 13.41
C GLN B 455 -17.15 29.57 14.00
N LEU B 456 -16.48 28.85 13.11
CA LEU B 456 -15.59 27.76 13.51
C LEU B 456 -14.15 28.13 13.18
N SER B 457 -13.22 27.57 13.96
CA SER B 457 -11.80 27.63 13.63
C SER B 457 -11.51 26.64 12.50
N PRO B 458 -11.07 27.15 11.33
CA PRO B 458 -10.81 26.19 10.24
C PRO B 458 -9.77 25.13 10.63
N ASP B 459 -8.74 25.49 11.38
CA ASP B 459 -7.74 24.53 11.85
C ASP B 459 -8.35 23.42 12.74
N ALA B 460 -9.27 23.80 13.62
CA ALA B 460 -9.95 22.83 14.49
C ALA B 460 -10.75 21.86 13.66
N VAL B 461 -11.32 22.35 12.55
CA VAL B 461 -12.17 21.52 11.70
C VAL B 461 -11.32 20.46 10.99
N ALA B 462 -10.18 20.88 10.44
CA ALA B 462 -9.20 19.96 9.88
C ALA B 462 -8.81 18.91 10.90
N GLN B 463 -8.45 19.36 12.10
CA GLN B 463 -7.98 18.43 13.14
C GLN B 463 -9.09 17.47 13.55
N LEU B 464 -10.31 17.98 13.62
CA LEU B 464 -11.48 17.14 13.90
C LEU B 464 -11.66 16.07 12.83
N ALA B 465 -11.49 16.45 11.57
CA ALA B 465 -11.56 15.50 10.47
C ALA B 465 -10.50 14.36 10.60
N PHE B 466 -9.29 14.67 11.07
CA PHE B 466 -8.25 13.62 11.23
C PHE B 466 -8.62 12.64 12.34
N GLN B 467 -9.16 13.18 13.44
CA GLN B 467 -9.64 12.35 14.56
C GLN B 467 -10.76 11.44 14.09
N MET B 468 -11.73 12.04 13.41
CA MET B 468 -12.90 11.34 12.97
C MET B 468 -12.48 10.28 11.96
N ALA B 469 -11.53 10.64 11.08
CA ALA B 469 -11.09 9.68 10.08
C ALA B 469 -10.39 8.49 10.71
N PHE B 470 -9.57 8.75 11.73
CA PHE B 470 -8.86 7.65 12.37
C PHE B 470 -9.82 6.70 13.08
N LEU B 471 -10.88 7.27 13.68
CA LEU B 471 -11.93 6.45 14.26
C LEU B 471 -12.64 5.58 13.23
N ARG B 472 -12.99 6.18 12.10
CA ARG B 472 -13.64 5.46 10.99
C ARG B 472 -12.79 4.27 10.53
N GLN B 473 -11.48 4.49 10.37
CA GLN B 473 -10.59 3.47 9.86
C GLN B 473 -10.18 2.41 10.89
N TYR B 474 -9.70 2.85 12.06
CA TYR B 474 -9.09 1.94 13.03
C TYR B 474 -9.91 1.79 14.31
N GLY B 475 -10.95 2.60 14.46
CA GLY B 475 -11.84 2.50 15.63
C GLY B 475 -11.14 2.80 16.95
N GLN B 476 -10.18 3.71 16.89
CA GLN B 476 -9.36 4.08 18.08
C GLN B 476 -9.18 5.56 18.15
N THR B 477 -8.81 6.05 19.35
CA THR B 477 -8.45 7.46 19.56
C THR B 477 -7.01 7.38 20.00
N VAL B 478 -6.14 8.10 19.31
CA VAL B 478 -4.70 7.91 19.50
C VAL B 478 -3.97 9.21 19.77
N ALA B 479 -2.74 9.08 20.25
CA ALA B 479 -1.93 10.26 20.59
C ALA B 479 -1.74 11.12 19.32
N THR B 480 -2.01 12.41 19.46
CA THR B 480 -2.04 13.33 18.32
C THR B 480 -1.26 14.58 18.68
N TYR B 481 -0.46 15.02 17.72
CA TYR B 481 0.47 16.14 17.90
C TYR B 481 0.22 17.17 16.82
N GLU B 482 0.11 18.45 17.21
CA GLU B 482 0.06 19.53 16.25
C GLU B 482 1.11 20.57 16.67
N SER B 483 2.00 20.93 15.75
CA SER B 483 3.00 21.97 16.02
C SER B 483 2.39 23.34 16.20
N CYS B 484 2.94 24.09 17.14
CA CYS B 484 2.57 25.48 17.37
C CYS B 484 3.82 26.30 17.67
N SER B 485 3.92 27.46 17.04
CA SER B 485 5.10 28.29 17.22
C SER B 485 5.02 29.10 18.52
N THR B 486 6.10 29.01 19.28
CA THR B 486 6.34 29.86 20.44
C THR B 486 7.42 30.94 20.20
N ALA B 487 7.61 31.32 18.93
CA ALA B 487 8.63 32.34 18.56
C ALA B 487 8.31 33.76 19.01
N ALA B 488 7.14 34.00 19.60
CA ALA B 488 6.90 35.31 20.22
C ALA B 488 7.87 35.55 21.37
N PHE B 489 8.55 34.47 21.78
CA PHE B 489 9.45 34.49 22.95
C PHE B 489 10.92 34.31 22.57
N LYS B 490 11.81 34.82 23.42
CA LYS B 490 13.25 34.70 23.22
C LYS B 490 13.68 33.23 23.07
N HIS B 491 14.29 32.92 21.92
CA HIS B 491 14.73 31.55 21.58
C HIS B 491 13.59 30.52 21.45
N GLY B 492 12.35 31.01 21.32
CA GLY B 492 11.18 30.16 21.25
C GLY B 492 11.16 29.34 19.96
N ARG B 493 10.80 28.06 20.07
CA ARG B 493 10.65 27.26 18.87
C ARG B 493 9.21 26.76 18.73
N THR B 494 8.88 25.63 19.36
CA THR B 494 7.52 25.11 19.27
C THR B 494 6.97 24.61 20.63
N GLU B 495 5.65 24.61 20.74
CA GLU B 495 4.90 23.89 21.82
C GLU B 495 3.95 22.92 21.12
N THR B 496 3.56 21.83 21.79
CA THR B 496 2.58 20.90 21.23
C THR B 496 1.14 21.26 21.57
N ILE B 497 0.33 21.48 20.54
CA ILE B 497 -1.14 21.50 20.68
C ILE B 497 -1.60 20.04 20.67
N ARG B 498 -2.48 19.68 21.62
CA ARG B 498 -3.02 18.33 21.68
C ARG B 498 -4.47 18.30 21.18
N PRO B 499 -4.69 18.01 19.88
CA PRO B 499 -6.02 18.14 19.31
C PRO B 499 -6.98 17.02 19.64
N ALA B 500 -6.48 15.85 20.08
CA ALA B 500 -7.35 14.76 20.51
C ALA B 500 -7.89 15.11 21.89
N SER B 501 -9.14 15.54 21.93
CA SER B 501 -9.77 15.98 23.17
C SER B 501 -11.02 15.17 23.49
N ILE B 502 -11.59 15.39 24.68
CA ILE B 502 -12.84 14.76 25.01
C ILE B 502 -13.90 15.16 23.97
N PHE B 503 -13.76 16.38 23.44
CA PHE B 503 -14.73 16.91 22.49
C PHE B 503 -14.61 16.26 21.13
N THR B 504 -13.41 16.22 20.56
CA THR B 504 -13.23 15.49 19.29
C THR B 504 -13.62 14.01 19.39
N LYS B 505 -13.36 13.38 20.55
CA LYS B 505 -13.70 11.98 20.76
C LYS B 505 -15.24 11.81 20.76
N ARG B 506 -15.93 12.68 21.47
CA ARG B 506 -17.39 12.63 21.54
C ARG B 506 -18.02 12.90 20.18
N CYS B 507 -17.50 13.92 19.50
CA CYS B 507 -18.02 14.33 18.20
C CYS B 507 -17.75 13.25 17.16
N SER B 508 -16.54 12.70 17.16
CA SER B 508 -16.21 11.59 16.24
C SER B 508 -17.11 10.37 16.43
N GLU B 509 -17.34 9.97 17.69
CA GLU B 509 -18.25 8.87 18.03
C GLU B 509 -19.65 9.12 17.49
N ALA B 510 -20.16 10.34 17.68
CA ALA B 510 -21.48 10.70 17.16
C ALA B 510 -21.61 10.50 15.64
N PHE B 511 -20.65 11.06 14.89
CA PHE B 511 -20.67 11.04 13.43
C PHE B 511 -20.47 9.63 12.91
N VAL B 512 -19.49 8.94 13.47
CA VAL B 512 -19.04 7.64 12.96
C VAL B 512 -19.93 6.49 13.43
N ARG B 513 -20.20 6.43 14.74
CA ARG B 513 -20.86 5.24 15.32
C ARG B 513 -22.37 5.37 15.52
N ASP B 514 -22.84 6.51 16.03
CA ASP B 514 -24.28 6.66 16.16
C ASP B 514 -24.89 7.92 15.54
N PRO B 515 -24.74 8.11 14.21
CA PRO B 515 -25.23 9.33 13.59
C PRO B 515 -26.76 9.50 13.72
N SER B 516 -27.50 8.39 13.76
CA SER B 516 -28.96 8.44 13.92
C SER B 516 -29.39 8.94 15.31
N LYS B 517 -28.46 8.94 16.25
CA LYS B 517 -28.80 9.27 17.64
C LYS B 517 -28.77 10.77 17.96
N HIS B 518 -28.37 11.59 16.99
CA HIS B 518 -28.17 13.03 17.18
C HIS B 518 -28.82 13.86 16.08
N SER B 519 -29.40 15.01 16.44
CA SER B 519 -29.93 15.94 15.44
C SER B 519 -28.80 16.68 14.76
N VAL B 520 -29.04 17.26 13.59
CA VAL B 520 -27.95 18.06 12.99
C VAL B 520 -27.52 19.16 13.96
N GLY B 521 -28.47 19.72 14.71
CA GLY B 521 -28.19 20.83 15.62
C GLY B 521 -27.21 20.38 16.68
N GLU B 522 -27.43 19.17 17.17
CA GLU B 522 -26.57 18.55 18.17
C GLU B 522 -25.18 18.29 17.60
N LEU B 523 -25.12 17.87 16.33
CA LEU B 523 -23.85 17.62 15.66
C LEU B 523 -23.07 18.91 15.45
N GLN B 524 -23.78 19.94 15.00
CA GLN B 524 -23.26 21.31 14.84
C GLN B 524 -22.71 21.83 16.14
N HIS B 525 -23.46 21.64 17.22
CA HIS B 525 -22.95 22.08 18.52
C HIS B 525 -21.69 21.36 18.98
N MET B 526 -21.64 20.04 18.82
CA MET B 526 -20.45 19.30 19.18
C MET B 526 -19.22 19.78 18.39
N MET B 527 -19.43 20.12 17.13
CA MET B 527 -18.33 20.70 16.31
C MET B 527 -17.95 22.08 16.84
N ALA B 528 -18.96 22.84 17.29
CA ALA B 528 -18.71 24.11 17.96
C ALA B 528 -17.84 23.93 19.22
N GLU B 529 -18.15 22.92 20.02
CA GLU B 529 -17.38 22.62 21.22
C GLU B 529 -15.93 22.25 20.89
N CYS B 530 -15.74 21.39 19.89
CA CYS B 530 -14.38 21.01 19.47
C CYS B 530 -13.61 22.27 19.10
N SER B 531 -14.26 23.15 18.33
CA SER B 531 -13.61 24.37 17.85
C SER B 531 -13.22 25.31 19.00
N LYS B 532 -14.13 25.53 19.95
CA LYS B 532 -13.84 26.42 21.07
C LYS B 532 -12.65 25.90 21.88
N TYR B 533 -12.66 24.60 22.22
CA TYR B 533 -11.58 24.01 22.99
C TYR B 533 -10.26 24.02 22.22
N HIS B 534 -10.31 23.72 20.94
CA HIS B 534 -9.09 23.75 20.11
C HIS B 534 -8.48 25.15 20.07
N GLY B 535 -9.35 26.16 20.04
CA GLY B 535 -8.93 27.56 19.96
C GLY B 535 -8.26 27.92 21.26
N GLN B 536 -8.80 27.38 22.35
CA GLN B 536 -8.22 27.56 23.67
C GLN B 536 -6.81 26.99 23.74
N LEU B 537 -6.64 25.72 23.32
CA LEU B 537 -5.36 25.07 23.41
C LEU B 537 -4.35 25.76 22.47
N THR B 538 -4.84 26.27 21.34
CA THR B 538 -3.96 26.98 20.40
C THR B 538 -3.45 28.28 21.04
N LYS B 539 -4.36 29.05 21.64
CA LYS B 539 -3.96 30.29 22.28
C LYS B 539 -2.99 30.04 23.45
N GLU B 540 -3.25 28.99 24.23
CA GLU B 540 -2.38 28.62 25.35
C GLU B 540 -1.00 28.19 24.83
N ALA B 541 -0.97 27.37 23.80
CA ALA B 541 0.31 26.78 23.37
C ALA B 541 1.25 27.88 22.87
N ALA B 542 0.68 28.85 22.15
CA ALA B 542 1.48 29.94 21.55
C ALA B 542 2.03 30.85 22.64
N MET B 543 1.38 30.80 23.81
CA MET B 543 1.83 31.53 25.01
C MET B 543 2.74 30.68 25.94
N GLY B 544 3.16 29.51 25.46
CA GLY B 544 3.99 28.61 26.28
C GLY B 544 3.23 27.84 27.36
N GLN B 545 1.90 27.80 27.24
CA GLN B 545 1.05 27.16 28.25
C GLN B 545 0.49 25.79 27.78
N GLY B 546 1.22 25.10 26.91
CA GLY B 546 1.04 23.64 26.74
C GLY B 546 1.70 22.97 27.91
N PHE B 547 1.62 21.63 27.95
CA PHE B 547 2.28 20.86 29.02
C PHE B 547 3.51 20.10 28.58
N ASP B 548 3.65 19.93 27.26
CA ASP B 548 4.63 19.01 26.71
C ASP B 548 6.05 19.48 26.98
N ARG B 549 6.39 20.72 26.61
CA ARG B 549 7.75 21.19 26.84
C ARG B 549 8.08 21.23 28.34
N HIS B 550 7.10 21.63 29.15
CA HIS B 550 7.37 21.78 30.60
C HIS B 550 7.76 20.41 31.17
N LEU B 551 6.94 19.38 30.90
CA LEU B 551 7.25 18.01 31.38
C LEU B 551 8.52 17.44 30.79
N TYR B 552 8.78 17.74 29.52
CA TYR B 552 10.02 17.35 28.84
C TYR B 552 11.23 17.98 29.55
N ALA B 553 11.16 19.29 29.86
CA ALA B 553 12.26 19.94 30.55
C ALA B 553 12.54 19.38 31.96
N LEU B 554 11.50 19.06 32.73
CA LEU B 554 11.68 18.48 34.06
C LEU B 554 12.36 17.11 33.96
N ARG B 555 11.94 16.32 32.98
CA ARG B 555 12.58 15.02 32.75
C ARG B 555 14.06 15.19 32.41
N TYR B 556 14.36 16.08 31.46
CA TYR B 556 15.72 16.37 31.03
C TYR B 556 16.60 16.79 32.22
N LEU B 557 16.06 17.68 33.05
CA LEU B 557 16.77 18.19 34.23
C LEU B 557 17.11 17.05 35.17
N ALA B 558 16.12 16.20 35.46
CA ALA B 558 16.34 15.05 36.33
C ALA B 558 17.50 14.20 35.77
N THR B 559 17.43 13.88 34.48
CA THR B 559 18.45 13.03 33.87
C THR B 559 19.85 13.70 33.88
N ALA B 560 19.91 14.97 33.50
CA ALA B 560 21.17 15.71 33.49
C ALA B 560 21.85 15.76 34.86
N ARG B 561 21.04 15.87 35.92
CA ARG B 561 21.56 15.94 37.30
C ARG B 561 21.84 14.55 37.91
N GLY B 562 21.66 13.51 37.11
CA GLY B 562 22.02 12.15 37.49
C GLY B 562 21.07 11.45 38.45
N LEU B 563 19.81 11.86 38.40
CA LEU B 563 18.76 11.30 39.25
C LEU B 563 18.04 10.18 38.55
N ASN B 564 17.50 9.22 39.31
CA ASN B 564 16.60 8.24 38.70
C ASN B 564 15.44 8.92 38.04
N LEU B 565 14.99 8.34 36.92
CA LEU B 565 13.85 8.87 36.20
C LEU B 565 12.61 8.86 37.12
N PRO B 566 11.95 10.02 37.31
CA PRO B 566 10.69 9.97 38.08
C PRO B 566 9.66 8.99 37.54
N GLU B 567 8.89 8.37 38.43
CA GLU B 567 7.86 7.40 38.03
C GLU B 567 6.86 7.94 37.02
N LEU B 568 6.57 9.25 37.07
CA LEU B 568 5.67 9.88 36.11
C LEU B 568 6.01 9.44 34.68
N TYR B 569 7.30 9.43 34.38
CA TYR B 569 7.80 9.21 33.02
C TYR B 569 7.94 7.71 32.64
N LEU B 570 7.87 6.84 33.65
CA LEU B 570 7.90 5.40 33.44
C LEU B 570 6.50 4.81 33.18
N ASP B 571 5.49 5.61 33.47
CA ASP B 571 4.10 5.32 33.16
C ASP B 571 3.96 5.04 31.66
N PRO B 572 3.41 3.85 31.31
CA PRO B 572 3.10 3.58 29.90
C PRO B 572 2.25 4.70 29.23
N ALA B 573 1.38 5.37 30.01
CA ALA B 573 0.58 6.48 29.51
C ALA B 573 1.46 7.65 29.01
N TYR B 574 2.58 7.89 29.68
CA TYR B 574 3.50 8.95 29.26
C TYR B 574 4.20 8.61 27.93
N GLN B 575 4.68 7.37 27.82
CA GLN B 575 5.27 6.87 26.59
C GLN B 575 4.27 6.89 25.45
N GLN B 576 3.01 6.51 25.75
CA GLN B 576 1.94 6.53 24.74
C GLN B 576 1.63 7.95 24.25
N MET B 577 1.62 8.90 25.20
CA MET B 577 1.33 10.31 24.88
C MET B 577 2.37 10.89 23.90
N ASN B 578 3.58 10.36 23.96
CA ASN B 578 4.68 10.84 23.13
C ASN B 578 5.08 9.89 21.98
N HIS B 579 4.21 8.91 21.72
CA HIS B 579 4.29 8.04 20.54
C HIS B 579 3.19 8.58 19.63
N ASN B 580 3.52 9.60 18.84
CA ASN B 580 2.48 10.33 18.11
C ASN B 580 2.08 9.68 16.78
N ILE B 581 1.03 8.85 16.85
CA ILE B 581 0.51 8.16 15.69
C ILE B 581 -0.02 9.16 14.67
N LEU B 582 -0.65 10.23 15.17
CA LEU B 582 -1.07 11.32 14.31
C LEU B 582 -0.17 12.53 14.56
N SER B 583 0.77 12.77 13.66
CA SER B 583 1.68 13.92 13.72
C SER B 583 1.31 14.89 12.61
N THR B 584 1.02 16.14 12.97
CA THR B 584 0.40 17.10 12.06
C THR B 584 1.11 18.46 12.13
N SER B 585 1.15 19.15 11.00
CA SER B 585 1.66 20.52 10.94
C SER B 585 1.09 21.22 9.73
N THR B 586 0.83 22.51 9.89
CA THR B 586 0.31 23.33 8.82
C THR B 586 1.17 24.60 8.63
N LEU B 587 1.23 25.07 7.38
CA LEU B 587 1.81 26.39 7.08
C LEU B 587 0.90 27.03 6.04
N ASN B 588 0.71 28.34 6.14
CA ASN B 588 -0.16 29.07 5.24
C ASN B 588 0.67 30.06 4.44
N SER B 589 0.66 29.92 3.12
CA SER B 589 1.43 30.80 2.22
C SER B 589 1.05 30.63 0.75
N PRO B 590 0.93 31.74 -0.01
CA PRO B 590 0.67 31.62 -1.45
C PRO B 590 1.88 31.11 -2.29
N ALA B 591 3.06 31.03 -1.67
CA ALA B 591 4.23 30.54 -2.34
C ALA B 591 4.31 29.00 -2.29
N VAL B 592 3.59 28.41 -1.34
CA VAL B 592 3.69 26.97 -1.09
C VAL B 592 2.74 26.18 -1.96
N SER B 593 3.28 25.24 -2.73
CA SER B 593 2.42 24.33 -3.52
C SER B 593 1.98 23.16 -2.63
N LEU B 594 2.94 22.58 -1.91
CA LEU B 594 2.68 21.58 -0.88
C LEU B 594 3.91 21.38 0.00
N GLY B 595 3.83 20.45 0.94
CA GLY B 595 4.90 20.20 1.86
C GLY B 595 4.69 18.81 2.39
N GLY B 596 5.60 18.35 3.22
CA GLY B 596 5.48 17.00 3.74
C GLY B 596 6.55 16.61 4.72
N PHE B 597 6.27 15.54 5.43
CA PHE B 597 7.21 14.96 6.37
C PHE B 597 6.72 13.57 6.63
N ALA B 598 7.68 12.66 6.88
CA ALA B 598 7.40 11.26 7.19
C ALA B 598 6.83 11.12 8.60
N PRO B 599 6.17 9.98 8.89
CA PRO B 599 5.68 9.74 10.26
C PRO B 599 6.82 9.79 11.30
N VAL B 600 6.48 10.16 12.53
CA VAL B 600 7.49 10.21 13.60
C VAL B 600 7.62 8.89 14.35
N VAL B 601 6.69 7.98 14.06
CA VAL B 601 6.70 6.65 14.66
C VAL B 601 6.40 5.64 13.54
N PRO B 602 6.87 4.39 13.68
CA PRO B 602 6.68 3.36 12.65
C PRO B 602 5.24 3.12 12.25
N ASP B 603 4.33 3.15 13.23
CA ASP B 603 2.90 3.00 12.97
C ASP B 603 2.14 4.33 12.95
N GLY B 604 2.79 5.37 12.44
CA GLY B 604 2.15 6.67 12.40
C GLY B 604 1.81 7.19 11.02
N PHE B 605 1.06 8.30 11.01
CA PHE B 605 0.84 9.12 9.83
C PHE B 605 1.59 10.44 10.02
N GLY B 606 2.22 10.95 8.96
CA GLY B 606 2.74 12.34 8.95
C GLY B 606 1.80 13.20 8.13
N ILE B 607 1.05 14.09 8.79
CA ILE B 607 0.01 14.86 8.11
C ILE B 607 0.39 16.33 7.91
N ALA B 608 0.77 16.70 6.70
CA ALA B 608 0.96 18.10 6.36
C ALA B 608 -0.30 18.60 5.67
N TYR B 609 -0.82 19.74 6.12
CA TYR B 609 -2.09 20.21 5.58
C TYR B 609 -2.15 21.71 5.52
N ALA B 610 -3.11 22.22 4.73
CA ALA B 610 -3.38 23.65 4.66
C ALA B 610 -4.85 23.81 4.34
N VAL B 611 -5.50 24.67 5.12
CA VAL B 611 -6.86 25.07 4.87
C VAL B 611 -6.80 26.38 4.10
N HIS B 612 -7.27 26.34 2.87
CA HIS B 612 -7.29 27.48 1.99
C HIS B 612 -8.67 28.12 2.08
N ASP B 613 -8.83 29.26 1.42
CA ASP B 613 -10.12 29.97 1.45
C ASP B 613 -11.28 29.12 0.97
N ASP B 614 -11.03 28.35 -0.09
CA ASP B 614 -12.03 27.64 -0.88
C ASP B 614 -11.85 26.13 -0.82
N TRP B 615 -10.76 25.66 -0.22
CA TRP B 615 -10.49 24.22 -0.23
C TRP B 615 -9.57 23.78 0.90
N ILE B 616 -9.44 22.47 1.08
CA ILE B 616 -8.60 21.91 2.13
C ILE B 616 -7.71 20.82 1.53
N GLY B 617 -6.40 21.00 1.67
CA GLY B 617 -5.41 20.05 1.16
C GLY B 617 -4.65 19.34 2.27
N CYS B 618 -4.43 18.03 2.11
CA CYS B 618 -3.68 17.21 3.03
C CYS B 618 -2.69 16.35 2.26
N ASN B 619 -1.47 16.30 2.73
CA ASN B 619 -0.43 15.45 2.19
C ASN B 619 0.04 14.52 3.31
N VAL B 620 -0.30 13.24 3.19
CA VAL B 620 -0.15 12.30 4.31
C VAL B 620 0.85 11.20 3.98
N SER B 621 1.80 10.98 4.87
CA SER B 621 2.82 9.94 4.75
C SER B 621 2.49 8.82 5.69
N SER B 622 2.98 7.63 5.38
CA SER B 622 2.80 6.48 6.23
C SER B 622 3.89 5.45 5.94
N TYR B 623 4.11 4.56 6.90
CA TYR B 623 4.95 3.39 6.67
C TYR B 623 4.05 2.18 6.43
N SER B 624 4.67 1.01 6.42
CA SER B 624 3.97 -0.22 6.07
C SER B 624 2.80 -0.54 7.01
N GLY B 625 3.00 -0.32 8.31
CA GLY B 625 1.99 -0.66 9.34
C GLY B 625 0.76 0.23 9.40
N ARG B 626 0.67 1.20 8.50
CA ARG B 626 -0.56 1.98 8.37
C ARG B 626 -0.98 2.06 6.90
N ASN B 627 -2.25 2.35 6.68
CA ASN B 627 -2.78 2.44 5.33
C ASN B 627 -3.20 3.87 5.01
N ALA B 628 -2.36 4.57 4.26
CA ALA B 628 -2.63 5.97 3.96
C ALA B 628 -3.71 6.16 2.89
N ARG B 629 -3.87 5.19 1.98
CA ARG B 629 -4.93 5.31 0.97
C ARG B 629 -6.28 5.35 1.65
N GLU B 630 -6.49 4.40 2.56
CA GLU B 630 -7.77 4.29 3.22
C GLU B 630 -8.01 5.50 4.11
N PHE B 631 -6.96 5.94 4.81
CA PHE B 631 -7.06 7.09 5.71
C PHE B 631 -7.48 8.34 4.94
N LEU B 632 -6.86 8.58 3.78
CA LEU B 632 -7.23 9.67 2.91
C LEU B 632 -8.70 9.60 2.46
N HIS B 633 -9.17 8.40 2.10
CA HIS B 633 -10.59 8.22 1.76
C HIS B 633 -11.44 8.60 2.97
N CYS B 634 -10.98 8.23 4.16
CA CYS B 634 -11.76 8.53 5.39
C CYS B 634 -11.76 10.02 5.70
N VAL B 635 -10.61 10.68 5.51
CA VAL B 635 -10.55 12.14 5.69
C VAL B 635 -11.51 12.88 4.74
N GLN B 636 -11.48 12.54 3.45
CA GLN B 636 -12.43 13.12 2.48
C GLN B 636 -13.89 12.92 2.91
N LYS B 637 -14.26 11.69 3.26
CA LYS B 637 -15.63 11.38 3.69
C LYS B 637 -16.07 12.15 4.96
N CYS B 638 -15.15 12.24 5.91
CA CYS B 638 -15.44 12.96 7.17
C CYS B 638 -15.63 14.44 6.90
N LEU B 639 -14.76 15.02 6.06
CA LEU B 639 -14.95 16.41 5.64
C LEU B 639 -16.30 16.60 4.96
N GLU B 640 -16.65 15.71 4.05
CA GLU B 640 -17.98 15.68 3.42
C GLU B 640 -19.12 15.66 4.46
N ASP B 641 -18.99 14.80 5.47
CA ASP B 641 -20.01 14.74 6.54
C ASP B 641 -20.04 16.00 7.41
N ILE B 642 -18.85 16.53 7.73
CA ILE B 642 -18.71 17.79 8.47
C ILE B 642 -19.46 18.89 7.71
N PHE B 643 -19.13 19.07 6.43
CA PHE B 643 -19.82 20.11 5.64
C PHE B 643 -21.34 19.89 5.47
N ASP B 644 -21.77 18.64 5.25
CA ASP B 644 -23.22 18.31 5.21
C ASP B 644 -23.92 18.78 6.48
N ALA B 645 -23.36 18.43 7.63
CA ALA B 645 -23.93 18.80 8.92
C ALA B 645 -23.97 20.32 9.06
N LEU B 646 -22.90 21.01 8.66
CA LEU B 646 -22.87 22.48 8.81
C LEU B 646 -23.85 23.17 7.88
N GLU B 647 -24.11 22.51 6.74
CA GLU B 647 -25.16 22.94 5.79
C GLU B 647 -26.58 22.53 6.25
N GLY B 648 -26.70 21.90 7.40
CA GLY B 648 -28.01 21.51 7.90
C GLY B 648 -28.57 20.26 7.26
N LYS B 649 -27.73 19.54 6.51
CA LYS B 649 -28.17 18.35 5.80
C LYS B 649 -28.04 17.09 6.63
N ALA B 650 -28.97 16.17 6.38
CA ALA B 650 -28.98 14.84 6.97
C ALA B 650 -27.73 14.07 6.56
N ILE B 651 -27.11 13.45 7.56
CA ILE B 651 -25.87 12.71 7.38
C ILE B 651 -26.07 11.53 6.41
N LYS B 652 -25.15 11.39 5.46
CA LYS B 652 -25.22 10.32 4.47
C LYS B 652 -24.52 9.07 5.00
N THR B 653 -25.10 7.99 5.06
C1 BOG C . -16.54 -10.92 -40.33
O1 BOG C . -16.90 -9.55 -40.51
C2 BOG C . -17.63 -11.88 -40.82
O2 BOG C . -18.90 -11.61 -40.19
C3 BOG C . -17.21 -13.32 -40.53
O3 BOG C . -18.13 -14.22 -41.16
C4 BOG C . -15.78 -13.64 -41.02
O4 BOG C . -15.32 -14.82 -40.36
C5 BOG C . -14.77 -12.51 -40.82
O5 BOG C . -15.33 -11.20 -41.05
C6 BOG C . -13.58 -12.69 -41.76
O6 BOG C . -13.97 -12.38 -43.11
C1' BOG C . -17.10 -8.92 -39.25
C2' BOG C . -16.59 -7.49 -39.25
C3' BOG C . -17.68 -6.56 -38.73
C4' BOG C . -17.11 -5.21 -38.34
C5' BOG C . -17.95 -4.61 -37.22
C6' BOG C . -17.45 -3.22 -36.84
C7' BOG C . -18.15 -2.73 -35.58
C8' BOG C . -18.80 -1.39 -35.84
O14 BUJ D . -7.66 -25.97 -15.70
C7 BUJ D . -6.92 -25.59 -14.76
O13 BUJ D . -5.66 -25.51 -14.84
C4 BUJ D . -7.61 -25.22 -13.45
C1 BUJ D . -6.61 -24.97 -12.31
C3 BUJ D . -6.22 -26.30 -11.64
N6 BUJ D . -5.00 -26.25 -10.80
C12 BUJ D . -3.79 -25.85 -11.56
C11 BUJ D . -4.76 -27.61 -10.30
C10 BUJ D . -5.25 -25.36 -9.66
N2 BUJ D . -7.48 -24.22 -11.41
C5 BUJ D . -7.21 -22.98 -11.04
O9 BUJ D . -6.19 -22.34 -11.35
C8 BUJ D . -8.27 -22.42 -10.12
C15 BUJ D . -8.10 -20.93 -10.05
C16 BUJ D . -7.62 -20.54 -8.67
C17 BUJ D . -6.81 -21.62 -7.97
C18 BUJ D . -6.25 -20.93 -6.72
C19 BUJ D . -5.29 -19.83 -7.19
C20 BUJ D . -5.07 -18.82 -6.07
C21 BUJ D . -3.82 -17.98 -6.29
C22 BUJ D . -3.83 -16.91 -5.22
C23 BUJ D . -2.47 -16.28 -4.93
C24 BUJ D . -1.84 -16.89 -3.68
C25 BUJ D . -1.07 -15.87 -2.86
C26 BUJ D . -0.25 -16.51 -1.74
C27 BUJ D . 0.65 -15.48 -1.07
C28 BUJ D . 0.82 -15.71 0.41
O14 BUJ E . 8.77 21.14 16.84
C7 BUJ E . 8.00 20.73 15.92
O13 BUJ E . 6.80 20.42 16.12
C4 BUJ E . 8.57 20.62 14.52
C1 BUJ E . 7.56 20.07 13.52
C3 BUJ E . 7.74 18.55 13.53
N6 BUJ E . 6.68 17.72 12.89
C12 BUJ E . 5.36 17.92 13.52
C11 BUJ E . 7.10 16.32 13.16
C10 BUJ E . 6.55 18.02 11.45
N2 BUJ E . 8.07 20.62 12.27
C5 BUJ E . 7.34 21.32 11.39
O9 BUJ E . 6.13 21.54 11.53
C8 BUJ E . 8.12 21.84 10.18
C15 BUJ E . 7.25 22.15 8.97
C16 BUJ E . 7.03 20.89 8.11
C17 BUJ E . 6.39 21.19 6.76
C18 BUJ E . 4.88 21.29 6.84
C19 BUJ E . 4.30 21.60 5.47
C20 BUJ E . 2.85 22.07 5.58
C21 BUJ E . 2.31 22.61 4.26
C22 BUJ E . 1.68 21.48 3.48
C23 BUJ E . 0.61 21.97 2.52
C24 BUJ E . -0.14 20.74 2.02
C25 BUJ E . -0.80 21.03 0.68
C26 BUJ E . -1.22 19.73 0.02
C27 BUJ E . -2.31 19.96 -1.01
C28 BUJ E . -2.42 18.75 -1.90
#